data_4N8R
#
_entry.id   4N8R
#
_cell.length_a   51.038
_cell.length_b   99.347
_cell.length_c   93.971
_cell.angle_alpha   90.00
_cell.angle_beta   98.68
_cell.angle_gamma   90.00
#
_symmetry.space_group_name_H-M   'P 1 21 1'
#
loop_
_entity.id
_entity.type
_entity.pdbx_description
1 polymer 'Retinoic acid receptor RXR-alpha'
2 non-polymer 5-(2-{(1Z)-2-methyl-1-[4-(propan-2-yl)benzylidene]-1H-inden-3-yl}ethyl)-1H-tetrazole
3 water water
#
_entity_poly.entity_id   1
_entity_poly.type   'polypeptide(L)'
_entity_poly.pdbx_seq_one_letter_code
;GSHMTSSANEDMPVERILEAELAVEPKTETYVEANMGLNPSSPNDPVTNICQAADKQLFTLVEWAKRIPHFSELPLDDQV
ILLRAGWNELLIASFSHRSIAVKDGILLATGLHVHRNSAHSAGVGAIFDRVLTELVSKMRDMQMDKTELGCLRAIVLFNP
DSKGLSNPAEVEALREKVYASLEAYCKHKYPEQPGRFAKLLLRLPALRSIGLKCLEHLFFFKLIGDTPIDTFLMEMLEAP
HQMT
;
_entity_poly.pdbx_strand_id   A,B,C,D
#
# COMPACT_ATOMS: atom_id res chain seq x y z
N ASP A 45 0.25 -15.58 28.94
CA ASP A 45 1.36 -15.34 28.01
C ASP A 45 1.04 -14.11 27.15
N PRO A 46 2.06 -13.36 26.73
CA PRO A 46 1.87 -12.10 25.98
C PRO A 46 0.86 -12.08 24.83
N VAL A 47 0.99 -12.99 23.87
CA VAL A 47 0.10 -13.00 22.72
C VAL A 47 -1.37 -13.19 23.14
N THR A 48 -1.58 -14.12 24.07
CA THR A 48 -2.94 -14.41 24.55
C THR A 48 -3.62 -13.20 25.18
N ASN A 49 -2.87 -12.44 25.98
CA ASN A 49 -3.37 -11.23 26.59
C ASN A 49 -3.85 -10.22 25.56
N ILE A 50 -3.08 -10.07 24.48
CA ILE A 50 -3.40 -9.11 23.42
C ILE A 50 -4.72 -9.48 22.76
N CYS A 51 -4.85 -10.76 22.40
CA CYS A 51 -6.06 -11.26 21.76
C CYS A 51 -7.29 -11.06 22.64
N GLN A 52 -7.16 -11.36 23.92
CA GLN A 52 -8.27 -11.21 24.85
C GLN A 52 -8.63 -9.73 24.98
N ALA A 53 -7.62 -8.88 25.06
CA ALA A 53 -7.84 -7.45 25.21
C ALA A 53 -8.51 -6.87 23.96
N ALA A 54 -8.20 -7.46 22.81
CA ALA A 54 -8.82 -7.07 21.55
C ALA A 54 -10.28 -7.47 21.55
N ASP A 55 -10.53 -8.67 22.04
CA ASP A 55 -11.88 -9.21 22.17
C ASP A 55 -12.73 -8.37 23.14
N LYS A 56 -12.11 -7.87 24.20
CA LYS A 56 -12.79 -7.00 25.15
C LYS A 56 -13.14 -5.67 24.49
N GLN A 57 -12.17 -5.11 23.78
CA GLN A 57 -12.36 -3.84 23.10
C GLN A 57 -13.46 -3.94 22.06
N LEU A 58 -13.50 -5.07 21.36
CA LEU A 58 -14.55 -5.31 20.39
C LEU A 58 -15.90 -5.41 21.07
N PHE A 59 -15.92 -6.01 22.26
CA PHE A 59 -17.16 -6.14 23.01
C PHE A 59 -17.69 -4.78 23.44
N THR A 60 -16.83 -3.98 24.05
CA THR A 60 -17.19 -2.65 24.49
C THR A 60 -17.70 -1.79 23.33
N LEU A 61 -17.11 -1.95 22.15
CA LEU A 61 -17.45 -1.15 20.98
C LEU A 61 -18.86 -1.44 20.50
N VAL A 62 -19.18 -2.71 20.36
CA VAL A 62 -20.53 -3.11 20.00
C VAL A 62 -21.56 -2.63 21.02
N GLU A 63 -21.21 -2.69 22.30
CA GLU A 63 -22.16 -2.25 23.33
C GLU A 63 -22.38 -0.74 23.25
N TRP A 64 -21.30 -0.02 22.95
CA TRP A 64 -21.40 1.42 22.73
C TRP A 64 -22.28 1.72 21.53
N ALA A 65 -22.07 1.00 20.42
CA ALA A 65 -22.82 1.25 19.20
C ALA A 65 -24.34 1.07 19.38
N LYS A 66 -24.72 0.04 20.12
CA LYS A 66 -26.13 -0.28 20.38
C LYS A 66 -26.87 0.82 21.15
N ARG A 67 -26.14 1.58 21.95
CA ARG A 67 -26.75 2.68 22.70
C ARG A 67 -26.80 3.98 21.89
N ILE A 68 -26.19 3.98 20.71
CA ILE A 68 -26.26 5.15 19.83
C ILE A 68 -27.66 5.22 19.25
N PRO A 69 -28.33 6.36 19.41
CA PRO A 69 -29.71 6.53 18.95
C PRO A 69 -29.89 6.08 17.50
N HIS A 70 -30.84 5.18 17.29
CA HIS A 70 -31.26 4.70 15.98
C HIS A 70 -30.31 3.71 15.30
N PHE A 71 -29.14 3.49 15.87
CA PHE A 71 -28.20 2.53 15.27
C PHE A 71 -28.89 1.17 15.05
N SER A 72 -29.61 0.69 16.06
CA SER A 72 -30.26 -0.61 15.97
C SER A 72 -31.50 -0.64 15.07
N GLU A 73 -31.89 0.52 14.56
CA GLU A 73 -33.01 0.60 13.62
C GLU A 73 -32.55 0.27 12.20
N LEU A 74 -31.23 0.33 11.99
CA LEU A 74 -30.65 -0.06 10.71
C LEU A 74 -30.75 -1.56 10.56
N PRO A 75 -30.83 -2.06 9.30
CA PRO A 75 -30.76 -3.49 9.03
C PRO A 75 -29.50 -4.05 9.69
N LEU A 76 -29.59 -5.25 10.26
CA LEU A 76 -28.48 -5.81 11.03
C LEU A 76 -27.19 -5.98 10.22
N ASP A 77 -27.31 -6.33 8.93
CA ASP A 77 -26.13 -6.48 8.07
C ASP A 77 -25.43 -5.15 7.85
N ASP A 78 -26.20 -4.07 7.83
CA ASP A 78 -25.63 -2.73 7.71
C ASP A 78 -24.91 -2.33 8.99
N GLN A 79 -25.51 -2.63 10.14
CA GLN A 79 -24.86 -2.38 11.43
C GLN A 79 -23.50 -3.08 11.45
N VAL A 80 -23.46 -4.30 10.95
CA VAL A 80 -22.24 -5.08 10.87
C VAL A 80 -21.23 -4.44 9.94
N ILE A 81 -21.70 -3.99 8.78
CA ILE A 81 -20.83 -3.30 7.85
C ILE A 81 -20.23 -2.07 8.53
N LEU A 82 -21.06 -1.32 9.22
CA LEU A 82 -20.61 -0.07 9.82
C LEU A 82 -19.57 -0.30 10.90
N LEU A 83 -19.77 -1.34 11.70
CA LEU A 83 -18.84 -1.63 12.79
C LEU A 83 -17.48 -2.11 12.24
N ARG A 84 -17.52 -2.97 11.23
CA ARG A 84 -16.29 -3.44 10.61
C ARG A 84 -15.55 -2.33 9.86
N ALA A 85 -16.28 -1.37 9.31
CA ALA A 85 -15.64 -0.27 8.60
C ALA A 85 -15.09 0.78 9.56
N GLY A 86 -15.63 0.82 10.76
CA GLY A 86 -15.35 1.95 11.62
C GLY A 86 -14.45 1.67 12.80
N TRP A 87 -14.21 0.39 13.08
CA TRP A 87 -13.55 -0.04 14.32
C TRP A 87 -12.20 0.67 14.52
N ASN A 88 -11.43 0.78 13.45
CA ASN A 88 -10.08 1.32 13.57
C ASN A 88 -10.07 2.79 13.99
N GLU A 89 -10.74 3.65 13.22
CA GLU A 89 -10.89 5.07 13.59
C GLU A 89 -11.58 5.25 14.94
N LEU A 90 -12.64 4.48 15.19
CA LEU A 90 -13.38 4.56 16.47
C LEU A 90 -12.44 4.34 17.67
N LEU A 91 -11.54 3.37 17.52
CA LEU A 91 -10.55 3.01 18.54
C LEU A 91 -9.45 4.06 18.70
N ILE A 92 -8.97 4.57 17.57
CA ILE A 92 -7.92 5.58 17.57
C ILE A 92 -8.46 6.84 18.22
N ALA A 93 -9.69 7.20 17.88
CA ALA A 93 -10.34 8.35 18.51
C ALA A 93 -10.42 8.20 20.03
N SER A 94 -10.74 7.01 20.51
CA SER A 94 -10.89 6.81 21.95
C SER A 94 -9.55 6.91 22.65
N PHE A 95 -8.54 6.19 22.16
CA PHE A 95 -7.28 6.20 22.88
C PHE A 95 -6.57 7.53 22.78
N SER A 96 -6.85 8.27 21.70
CA SER A 96 -6.30 9.62 21.58
C SER A 96 -6.88 10.54 22.66
N HIS A 97 -8.20 10.54 22.81
CA HIS A 97 -8.85 11.39 23.79
C HIS A 97 -8.46 10.99 25.23
N ARG A 98 -8.38 9.69 25.48
CA ARG A 98 -7.92 9.17 26.76
C ARG A 98 -6.47 9.62 27.06
N SER A 99 -5.69 9.91 26.02
CA SER A 99 -4.28 10.22 26.20
C SER A 99 -3.98 11.69 26.45
N ILE A 100 -5.03 12.53 26.54
N ILE A 100 -5.02 12.51 26.52
CA ILE A 100 -4.79 13.96 26.75
CA ILE A 100 -4.86 13.94 26.78
C ILE A 100 -4.13 14.24 28.10
C ILE A 100 -4.10 14.20 28.07
N ALA A 101 -4.26 13.32 29.05
CA ALA A 101 -3.61 13.45 30.35
C ALA A 101 -2.10 13.18 30.30
N VAL A 102 -1.64 12.62 29.19
CA VAL A 102 -0.27 12.15 29.08
C VAL A 102 0.56 12.99 28.09
N LYS A 103 1.86 13.17 28.37
CA LYS A 103 2.72 13.91 27.45
C LYS A 103 3.47 12.96 26.53
N ASP A 104 3.34 13.16 25.22
CA ASP A 104 4.11 12.39 24.23
C ASP A 104 3.98 10.87 24.32
N GLY A 105 2.84 10.42 24.82
CA GLY A 105 2.55 9.01 24.87
C GLY A 105 1.07 8.77 24.67
N ILE A 106 0.72 7.49 24.56
CA ILE A 106 -0.63 7.06 24.31
C ILE A 106 -1.03 6.03 25.39
N LEU A 107 -2.29 6.10 25.83
CA LEU A 107 -2.88 5.14 26.75
C LEU A 107 -3.84 4.20 26.02
N LEU A 108 -3.44 2.95 25.81
CA LEU A 108 -4.38 1.95 25.31
C LEU A 108 -5.20 1.41 26.49
N ALA A 109 -6.44 1.02 26.20
CA ALA A 109 -7.51 0.89 27.20
C ALA A 109 -7.19 0.15 28.50
N THR A 110 -6.25 -0.77 28.45
CA THR A 110 -5.93 -1.58 29.62
C THR A 110 -4.84 -0.95 30.49
N GLY A 111 -4.89 0.37 30.66
CA GLY A 111 -3.84 1.10 31.36
C GLY A 111 -2.44 0.98 30.75
N LEU A 112 -2.34 0.41 29.55
CA LEU A 112 -1.06 0.22 28.87
C LEU A 112 -0.55 1.52 28.27
N HIS A 113 0.55 2.05 28.80
CA HIS A 113 1.14 3.29 28.30
C HIS A 113 2.24 3.04 27.27
N VAL A 114 2.16 3.73 26.13
CA VAL A 114 3.20 3.65 25.09
C VAL A 114 3.78 5.02 24.80
N HIS A 115 5.09 5.15 24.93
CA HIS A 115 5.74 6.44 24.69
C HIS A 115 6.21 6.53 23.23
N ARG A 116 6.37 7.73 22.70
CA ARG A 116 6.73 7.89 21.30
C ARG A 116 8.11 7.28 21.02
N ASN A 117 8.96 7.20 22.04
CA ASN A 117 10.25 6.55 21.89
C ASN A 117 10.12 5.16 21.30
N SER A 118 9.18 4.40 21.87
CA SER A 118 8.93 3.02 21.45
C SER A 118 8.38 2.96 20.03
N ALA A 119 7.56 3.94 19.68
CA ALA A 119 7.04 4.02 18.33
C ALA A 119 8.19 4.25 17.34
N HIS A 120 9.05 5.21 17.65
CA HIS A 120 10.16 5.53 16.77
C HIS A 120 11.13 4.36 16.65
N SER A 121 11.38 3.70 17.77
CA SER A 121 12.22 2.52 17.74
C SER A 121 11.62 1.45 16.81
N ALA A 122 10.31 1.29 16.85
CA ALA A 122 9.63 0.27 16.06
C ALA A 122 9.45 0.64 14.57
N GLY A 123 9.82 1.86 14.21
CA GLY A 123 9.67 2.31 12.83
C GLY A 123 8.32 2.93 12.49
N VAL A 124 7.50 3.20 13.51
CA VAL A 124 6.22 3.86 13.25
C VAL A 124 6.13 5.19 13.97
N GLY A 125 7.28 5.85 14.11
CA GLY A 125 7.37 7.10 14.84
C GLY A 125 6.62 8.27 14.21
N ALA A 126 6.69 8.40 12.89
CA ALA A 126 6.05 9.51 12.22
C ALA A 126 4.54 9.43 12.42
N ILE A 127 4.01 8.22 12.23
CA ILE A 127 2.59 7.99 12.44
C ILE A 127 2.19 8.29 13.88
N PHE A 128 2.98 7.81 14.84
CA PHE A 128 2.69 8.06 16.25
C PHE A 128 2.62 9.57 16.50
N ASP A 129 3.57 10.31 15.92
CA ASP A 129 3.60 11.75 16.12
C ASP A 129 2.41 12.48 15.49
N ARG A 130 1.88 11.94 14.39
CA ARG A 130 0.64 12.44 13.81
C ARG A 130 -0.51 12.28 14.82
N VAL A 131 -0.63 11.11 15.46
CA VAL A 131 -1.62 10.93 16.52
C VAL A 131 -1.44 12.00 17.59
N LEU A 132 -0.21 12.13 18.07
CA LEU A 132 0.11 13.12 19.11
C LEU A 132 -0.23 14.56 18.74
N THR A 133 0.19 15.00 17.56
CA THR A 133 0.09 16.41 17.16
C THR A 133 -1.23 16.79 16.47
N GLU A 134 -1.85 15.84 15.77
CA GLU A 134 -3.08 16.12 15.02
C GLU A 134 -4.35 15.70 15.76
N LEU A 135 -4.24 14.72 16.66
CA LEU A 135 -5.38 14.30 17.45
C LEU A 135 -5.21 14.71 18.90
N VAL A 136 -4.26 14.10 19.60
CA VAL A 136 -4.17 14.31 21.05
C VAL A 136 -4.03 15.77 21.48
N SER A 137 -3.00 16.44 21.00
CA SER A 137 -2.74 17.81 21.39
C SER A 137 -3.90 18.73 21.02
N LYS A 138 -4.54 18.45 19.91
CA LYS A 138 -5.67 19.27 19.43
C LYS A 138 -6.87 19.10 20.35
N MET A 139 -7.14 17.85 20.74
CA MET A 139 -8.19 17.53 21.70
C MET A 139 -7.90 18.19 23.03
N ARG A 140 -6.63 18.13 23.44
CA ARG A 140 -6.21 18.75 24.68
C ARG A 140 -6.40 20.28 24.66
N ASP A 141 -5.93 20.93 23.61
CA ASP A 141 -5.95 22.40 23.55
C ASP A 141 -7.36 22.99 23.47
N MET A 142 -8.27 22.32 22.79
CA MET A 142 -9.64 22.83 22.69
C MET A 142 -10.48 22.30 23.85
N GLN A 143 -9.86 21.44 24.65
CA GLN A 143 -10.56 20.74 25.73
C GLN A 143 -11.81 20.02 25.23
N MET A 144 -11.65 19.22 24.18
CA MET A 144 -12.75 18.41 23.67
C MET A 144 -13.30 17.61 24.83
N ASP A 145 -14.60 17.74 25.09
CA ASP A 145 -15.20 17.01 26.19
C ASP A 145 -15.75 15.68 25.69
N LYS A 146 -16.27 14.88 26.61
CA LYS A 146 -16.66 13.51 26.28
C LYS A 146 -17.91 13.36 25.43
N THR A 147 -18.83 14.33 25.53
CA THR A 147 -20.02 14.36 24.68
C THR A 147 -19.65 14.67 23.23
N GLU A 148 -18.72 15.60 23.05
CA GLU A 148 -18.26 15.96 21.71
C GLU A 148 -17.51 14.78 21.10
N LEU A 149 -16.70 14.09 21.89
CA LEU A 149 -16.02 12.88 21.44
C LEU A 149 -17.02 11.80 21.05
N GLY A 150 -18.04 11.59 21.87
CA GLY A 150 -19.03 10.58 21.58
C GLY A 150 -19.75 10.86 20.27
N CYS A 151 -20.12 12.13 20.05
CA CYS A 151 -20.71 12.55 18.78
C CYS A 151 -19.80 12.33 17.56
N LEU A 152 -18.56 12.80 17.62
CA LEU A 152 -17.61 12.54 16.51
C LEU A 152 -17.53 11.06 16.18
N ARG A 153 -17.44 10.22 17.23
CA ARG A 153 -17.41 8.79 17.01
C ARG A 153 -18.68 8.26 16.37
N ALA A 154 -19.83 8.76 16.80
CA ALA A 154 -21.09 8.35 16.19
C ALA A 154 -21.15 8.74 14.70
N ILE A 155 -20.63 9.92 14.38
CA ILE A 155 -20.53 10.36 12.99
C ILE A 155 -19.59 9.44 12.19
N VAL A 156 -18.46 9.10 12.79
CA VAL A 156 -17.55 8.12 12.19
C VAL A 156 -18.28 6.80 11.97
N LEU A 157 -19.04 6.38 12.99
CA LEU A 157 -19.80 5.15 12.93
C LEU A 157 -20.82 5.14 11.79
N PHE A 158 -21.62 6.20 11.72
CA PHE A 158 -22.62 6.33 10.66
C PHE A 158 -21.92 6.82 9.39
N ASN A 159 -21.14 5.93 8.78
CA ASN A 159 -20.39 6.24 7.57
C ASN A 159 -21.18 5.82 6.32
N PRO A 160 -21.74 6.81 5.61
CA PRO A 160 -22.60 6.44 4.48
C PRO A 160 -21.79 5.95 3.27
N ASP A 161 -20.48 6.12 3.29
CA ASP A 161 -19.61 5.67 2.18
C ASP A 161 -19.21 4.21 2.25
N SER A 162 -19.53 3.53 3.35
CA SER A 162 -19.11 2.15 3.54
C SER A 162 -19.67 1.22 2.46
N LYS A 163 -18.81 0.41 1.86
CA LYS A 163 -19.25 -0.45 0.78
C LYS A 163 -20.20 -1.56 1.25
N GLY A 164 -21.22 -1.85 0.45
CA GLY A 164 -22.11 -2.95 0.74
C GLY A 164 -23.38 -2.57 1.50
N LEU A 165 -23.44 -1.33 1.98
CA LEU A 165 -24.64 -0.87 2.68
C LEU A 165 -25.85 -0.99 1.77
N SER A 166 -26.93 -1.54 2.31
CA SER A 166 -28.16 -1.70 1.54
C SER A 166 -28.86 -0.35 1.41
N ASN A 167 -28.64 0.54 2.37
CA ASN A 167 -29.21 1.88 2.26
C ASN A 167 -28.37 2.99 2.87
N PRO A 168 -27.44 3.54 2.06
CA PRO A 168 -26.49 4.58 2.46
C PRO A 168 -27.23 5.84 2.85
N ALA A 169 -28.35 6.07 2.18
CA ALA A 169 -29.18 7.25 2.46
C ALA A 169 -29.70 7.24 3.90
N GLU A 170 -30.12 6.07 4.38
CA GLU A 170 -30.59 6.03 5.77
C GLU A 170 -29.41 6.30 6.71
N VAL A 171 -28.23 5.82 6.34
CA VAL A 171 -27.05 6.05 7.18
C VAL A 171 -26.66 7.54 7.19
N GLU A 172 -26.72 8.18 6.02
CA GLU A 172 -26.45 9.62 5.93
C GLU A 172 -27.44 10.40 6.77
N ALA A 173 -28.72 9.99 6.75
CA ALA A 173 -29.75 10.60 7.60
C ALA A 173 -29.47 10.45 9.11
N LEU A 174 -29.00 9.29 9.54
CA LEU A 174 -28.63 9.13 10.94
C LEU A 174 -27.41 9.99 11.31
N ARG A 175 -26.44 10.06 10.40
CA ARG A 175 -25.26 10.91 10.62
C ARG A 175 -25.64 12.37 10.80
N GLU A 176 -26.56 12.86 9.99
CA GLU A 176 -27.02 14.25 10.06
C GLU A 176 -27.76 14.56 11.37
N LYS A 177 -28.53 13.59 11.86
CA LYS A 177 -29.18 13.72 13.16
C LYS A 177 -28.12 13.88 14.25
N VAL A 178 -27.09 13.05 14.20
CA VAL A 178 -25.99 13.20 15.14
C VAL A 178 -25.32 14.57 15.07
N TYR A 179 -24.92 15.04 13.88
CA TYR A 179 -24.20 16.31 13.86
C TYR A 179 -25.09 17.53 14.17
N ALA A 180 -26.38 17.41 13.86
CA ALA A 180 -27.35 18.41 14.34
C ALA A 180 -27.35 18.48 15.89
N SER A 181 -27.38 17.32 16.54
CA SER A 181 -27.30 17.27 18.00
C SER A 181 -26.01 17.91 18.51
N LEU A 182 -24.90 17.56 17.88
CA LEU A 182 -23.60 18.08 18.26
C LEU A 182 -23.57 19.60 18.12
N GLU A 183 -24.03 20.10 16.99
CA GLU A 183 -24.03 21.56 16.79
C GLU A 183 -24.90 22.26 17.86
N ALA A 184 -26.02 21.64 18.20
CA ALA A 184 -26.91 22.16 19.25
C ALA A 184 -26.17 22.19 20.59
N TYR A 185 -25.47 21.10 20.87
CA TYR A 185 -24.68 20.98 22.08
C TYR A 185 -23.62 22.07 22.16
N CYS A 186 -22.79 22.18 21.12
CA CYS A 186 -21.70 23.15 21.12
C CYS A 186 -22.20 24.59 21.26
N LYS A 187 -23.30 24.91 20.60
CA LYS A 187 -23.82 26.28 20.62
C LYS A 187 -24.23 26.72 22.01
N HIS A 188 -24.76 25.78 22.78
CA HIS A 188 -25.36 26.12 24.08
C HIS A 188 -24.38 25.88 25.22
N LYS A 189 -23.51 24.91 25.06
CA LYS A 189 -22.47 24.63 26.05
C LYS A 189 -21.36 25.66 25.93
N TYR A 190 -20.96 25.95 24.71
CA TYR A 190 -19.87 26.89 24.45
C TYR A 190 -20.34 28.02 23.54
N PRO A 191 -21.28 28.85 24.01
CA PRO A 191 -21.81 29.92 23.15
C PRO A 191 -20.77 30.97 22.79
N GLU A 192 -19.66 31.02 23.52
CA GLU A 192 -18.62 32.01 23.23
C GLU A 192 -17.57 31.53 22.21
N GLN A 193 -17.74 30.31 21.69
CA GLN A 193 -16.82 29.76 20.68
C GLN A 193 -17.57 29.38 19.41
N PRO A 194 -17.79 30.35 18.52
CA PRO A 194 -18.72 30.11 17.41
C PRO A 194 -18.23 29.08 16.39
N GLY A 195 -16.92 28.90 16.31
CA GLY A 195 -16.37 27.99 15.33
C GLY A 195 -16.09 26.60 15.86
N ARG A 196 -16.52 26.34 17.09
CA ARG A 196 -16.18 25.09 17.76
C ARG A 196 -16.73 23.85 17.06
N PHE A 197 -17.99 23.92 16.63
CA PHE A 197 -18.60 22.78 15.96
C PHE A 197 -17.78 22.37 14.73
N ALA A 198 -17.39 23.36 13.94
CA ALA A 198 -16.62 23.14 12.73
C ALA A 198 -15.22 22.60 13.05
N LYS A 199 -14.59 23.20 14.05
CA LYS A 199 -13.30 22.75 14.52
C LYS A 199 -13.32 21.26 14.85
N LEU A 200 -14.38 20.79 15.50
CA LEU A 200 -14.50 19.36 15.84
C LEU A 200 -14.60 18.49 14.59
N LEU A 201 -15.46 18.91 13.65
CA LEU A 201 -15.65 18.17 12.41
C LEU A 201 -14.33 18.12 11.63
N LEU A 202 -13.53 19.17 11.75
CA LEU A 202 -12.31 19.25 10.97
C LEU A 202 -11.15 18.42 11.56
N ARG A 203 -11.40 17.69 12.64
CA ARG A 203 -10.43 16.73 13.13
C ARG A 203 -10.65 15.38 12.46
N LEU A 204 -11.81 15.20 11.83
CA LEU A 204 -12.13 13.97 11.11
C LEU A 204 -11.25 13.57 9.89
N PRO A 205 -10.77 14.55 9.12
CA PRO A 205 -9.86 14.12 8.04
C PRO A 205 -8.53 13.57 8.57
N ALA A 206 -7.99 14.19 9.63
CA ALA A 206 -6.80 13.67 10.31
C ALA A 206 -7.05 12.26 10.82
N LEU A 207 -8.20 12.03 11.45
CA LEU A 207 -8.56 10.69 11.94
C LEU A 207 -8.60 9.70 10.80
N ARG A 208 -9.21 10.10 9.69
CA ARG A 208 -9.26 9.25 8.51
C ARG A 208 -7.84 8.85 8.02
N SER A 209 -6.96 9.82 7.81
CA SER A 209 -5.64 9.51 7.26
C SER A 209 -4.75 8.73 8.24
N ILE A 210 -4.82 9.10 9.52
CA ILE A 210 -4.08 8.38 10.56
C ILE A 210 -4.57 6.95 10.61
N GLY A 211 -5.89 6.78 10.52
CA GLY A 211 -6.48 5.46 10.51
C GLY A 211 -5.89 4.61 9.39
N LEU A 212 -5.85 5.17 8.18
CA LEU A 212 -5.32 4.44 7.03
C LEU A 212 -3.84 4.10 7.20
N LYS A 213 -3.06 5.08 7.67
N LYS A 213 -3.06 5.08 7.66
CA LYS A 213 -1.62 4.91 7.86
CA LYS A 213 -1.62 4.91 7.86
C LYS A 213 -1.31 3.81 8.87
C LYS A 213 -1.32 3.80 8.86
N CYS A 214 -2.06 3.79 9.97
CA CYS A 214 -1.88 2.77 11.00
C CYS A 214 -2.02 1.37 10.43
N LEU A 215 -3.11 1.11 9.73
CA LEU A 215 -3.33 -0.20 9.12
C LEU A 215 -2.27 -0.49 8.04
N GLU A 216 -1.97 0.51 7.22
N GLU A 216 -1.99 0.51 7.22
CA GLU A 216 -1.04 0.30 6.10
CA GLU A 216 -1.04 0.36 6.11
C GLU A 216 0.39 -0.01 6.56
C GLU A 216 0.34 -0.08 6.60
N HIS A 217 0.74 0.42 7.76
CA HIS A 217 2.08 0.17 8.28
C HIS A 217 2.11 -0.79 9.48
N LEU A 218 1.01 -1.52 9.70
CA LEU A 218 0.88 -2.43 10.86
C LEU A 218 1.35 -1.78 12.16
N PHE A 219 0.86 -0.56 12.39
CA PHE A 219 1.15 0.24 13.58
C PHE A 219 1.01 -0.55 14.88
N PHE A 220 -0.10 -1.26 15.04
CA PHE A 220 -0.34 -1.96 16.29
C PHE A 220 0.57 -3.17 16.49
N PHE A 221 0.75 -3.96 15.42
CA PHE A 221 1.64 -5.10 15.49
C PHE A 221 3.03 -4.63 15.93
N LYS A 222 3.57 -3.64 15.23
CA LYS A 222 4.92 -3.15 15.50
C LYS A 222 5.09 -2.57 16.91
N LEU A 223 4.01 -2.05 17.49
CA LEU A 223 4.08 -1.47 18.83
C LEU A 223 3.96 -2.51 19.95
N ILE A 224 2.99 -3.41 19.82
CA ILE A 224 2.72 -4.31 20.92
C ILE A 224 2.72 -5.80 20.56
N GLY A 225 2.85 -6.12 19.28
CA GLY A 225 2.76 -7.50 18.86
C GLY A 225 4.09 -8.12 18.44
N ASP A 226 5.08 -7.27 18.28
CA ASP A 226 6.39 -7.68 17.76
C ASP A 226 7.17 -8.61 18.71
N THR A 227 7.57 -8.07 19.86
CA THR A 227 8.24 -8.83 20.88
C THR A 227 7.50 -10.11 21.28
N PRO A 228 6.16 -10.03 21.53
CA PRO A 228 5.48 -11.28 21.88
C PRO A 228 5.63 -12.38 20.82
N ILE A 229 5.73 -12.02 19.55
CA ILE A 229 5.88 -13.03 18.50
C ILE A 229 7.26 -13.70 18.59
N ASP A 230 8.29 -12.92 18.90
CA ASP A 230 9.62 -13.45 19.15
C ASP A 230 9.60 -14.45 20.33
N THR A 231 9.00 -14.05 21.44
CA THR A 231 8.89 -14.91 22.61
C THR A 231 8.17 -16.19 22.25
N PHE A 232 7.01 -16.02 21.62
CA PHE A 232 6.17 -17.12 21.18
C PHE A 232 6.98 -18.11 20.36
N LEU A 233 7.78 -17.58 19.44
CA LEU A 233 8.56 -18.44 18.55
C LEU A 233 9.64 -19.20 19.28
N MET A 234 10.34 -18.51 20.17
CA MET A 234 11.38 -19.12 20.97
C MET A 234 10.83 -20.30 21.76
N GLU A 235 9.68 -20.10 22.40
CA GLU A 235 9.03 -21.18 23.13
C GLU A 235 8.76 -22.38 22.22
N MET A 236 8.25 -22.12 21.02
CA MET A 236 7.96 -23.19 20.08
C MET A 236 9.22 -23.95 19.71
N LEU A 237 10.30 -23.19 19.53
CA LEU A 237 11.56 -23.77 19.12
C LEU A 237 12.13 -24.62 20.26
N GLU A 238 11.88 -24.19 21.49
CA GLU A 238 12.40 -24.93 22.64
C GLU A 238 11.54 -26.14 23.02
N ALA A 239 10.28 -26.14 22.57
CA ALA A 239 9.35 -27.23 22.86
C ALA A 239 9.86 -28.61 22.41
N PRO A 240 9.44 -29.68 23.10
CA PRO A 240 9.85 -31.03 22.72
C PRO A 240 9.38 -31.37 21.31
N HIS A 241 10.23 -32.02 20.52
CA HIS A 241 9.96 -32.21 19.10
C HIS A 241 9.51 -33.62 18.76
N PRO B 43 3.76 12.98 -29.93
CA PRO B 43 4.99 12.76 -30.69
C PRO B 43 5.88 11.66 -30.10
N ASN B 44 7.15 11.97 -29.90
CA ASN B 44 8.14 10.96 -29.54
C ASN B 44 8.65 10.99 -28.10
N ASP B 45 8.18 11.96 -27.31
CA ASP B 45 8.61 12.05 -25.92
C ASP B 45 7.42 12.05 -24.96
N PRO B 46 6.94 10.84 -24.61
CA PRO B 46 5.72 10.64 -23.83
C PRO B 46 5.81 11.20 -22.41
N VAL B 47 6.92 10.94 -21.71
CA VAL B 47 7.00 11.39 -20.33
C VAL B 47 7.12 12.91 -20.26
N THR B 48 7.92 13.47 -21.16
CA THR B 48 8.05 14.92 -21.28
C THR B 48 6.67 15.55 -21.43
N ASN B 49 5.84 14.95 -22.29
CA ASN B 49 4.50 15.49 -22.52
C ASN B 49 3.61 15.33 -21.30
N ILE B 50 3.77 14.22 -20.58
CA ILE B 50 3.01 14.02 -19.35
C ILE B 50 3.41 15.08 -18.33
N CYS B 51 4.72 15.32 -18.21
CA CYS B 51 5.22 16.33 -17.29
C CYS B 51 4.74 17.74 -17.61
N GLN B 52 4.69 18.08 -18.89
CA GLN B 52 4.22 19.42 -19.29
C GLN B 52 2.77 19.61 -18.84
N ALA B 53 1.95 18.59 -19.03
CA ALA B 53 0.55 18.65 -18.65
C ALA B 53 0.40 18.80 -17.13
N ALA B 54 1.20 18.04 -16.38
CA ALA B 54 1.14 18.11 -14.93
C ALA B 54 1.62 19.48 -14.47
N ASP B 55 2.67 19.94 -15.12
CA ASP B 55 3.24 21.25 -14.87
C ASP B 55 2.15 22.32 -15.00
N LYS B 56 1.48 22.34 -16.15
CA LYS B 56 0.43 23.29 -16.43
C LYS B 56 -0.68 23.21 -15.37
N GLN B 57 -1.00 21.99 -14.93
CA GLN B 57 -2.05 21.78 -13.92
C GLN B 57 -1.67 22.31 -12.54
N LEU B 58 -0.44 22.03 -12.12
CA LEU B 58 0.03 22.50 -10.83
C LEU B 58 0.05 24.02 -10.78
N PHE B 59 0.44 24.64 -11.90
CA PHE B 59 0.48 26.11 -11.99
C PHE B 59 -0.90 26.74 -11.82
N THR B 60 -1.91 26.10 -12.39
CA THR B 60 -3.30 26.53 -12.22
C THR B 60 -3.65 26.56 -10.73
N LEU B 61 -3.17 25.57 -9.99
CA LEU B 61 -3.36 25.51 -8.56
C LEU B 61 -2.60 26.61 -7.85
N VAL B 62 -1.33 26.80 -8.22
CA VAL B 62 -0.54 27.85 -7.62
C VAL B 62 -1.15 29.25 -7.89
N GLU B 63 -1.67 29.47 -9.10
CA GLU B 63 -2.26 30.77 -9.44
C GLU B 63 -3.52 31.00 -8.63
N TRP B 64 -4.31 29.94 -8.46
CA TRP B 64 -5.50 30.03 -7.64
C TRP B 64 -5.16 30.38 -6.19
N ALA B 65 -4.11 29.77 -5.65
CA ALA B 65 -3.72 29.99 -4.26
C ALA B 65 -3.22 31.41 -3.96
N LYS B 66 -2.42 31.96 -4.85
CA LYS B 66 -1.95 33.34 -4.74
C LYS B 66 -3.10 34.34 -4.69
N ARG B 67 -4.26 33.96 -5.23
CA ARG B 67 -5.44 34.83 -5.19
C ARG B 67 -6.19 34.74 -3.85
N ILE B 68 -5.91 33.70 -3.07
CA ILE B 68 -6.55 33.54 -1.78
C ILE B 68 -5.99 34.56 -0.82
N PRO B 69 -6.85 35.39 -0.22
CA PRO B 69 -6.37 36.44 0.68
C PRO B 69 -5.47 35.90 1.78
N HIS B 70 -4.34 36.59 1.99
CA HIS B 70 -3.33 36.28 3.02
C HIS B 70 -2.37 35.13 2.71
N PHE B 71 -2.71 34.28 1.75
CA PHE B 71 -1.84 33.15 1.42
C PHE B 71 -0.45 33.64 1.04
N SER B 72 -0.39 34.68 0.20
CA SER B 72 0.87 35.22 -0.27
C SER B 72 1.61 36.02 0.78
N GLU B 73 0.94 36.28 1.88
CA GLU B 73 1.57 36.94 3.02
C GLU B 73 2.29 35.95 3.94
N LEU B 74 2.03 34.66 3.77
CA LEU B 74 2.75 33.63 4.53
C LEU B 74 4.19 33.61 4.05
N PRO B 75 5.13 33.13 4.89
CA PRO B 75 6.50 32.91 4.40
C PRO B 75 6.52 31.97 3.19
N LEU B 76 7.40 32.24 2.24
CA LEU B 76 7.47 31.47 1.00
C LEU B 76 7.58 29.97 1.24
N ASP B 77 8.43 29.59 2.18
CA ASP B 77 8.62 28.17 2.49
C ASP B 77 7.34 27.52 3.01
N ASP B 78 6.50 28.30 3.69
CA ASP B 78 5.19 27.81 4.15
C ASP B 78 4.21 27.65 2.99
N GLN B 79 4.25 28.58 2.06
CA GLN B 79 3.44 28.49 0.86
C GLN B 79 3.77 27.21 0.12
N VAL B 80 5.07 26.90 0.00
CA VAL B 80 5.50 25.69 -0.69
C VAL B 80 5.07 24.43 0.06
N ILE B 81 5.19 24.48 1.39
CA ILE B 81 4.76 23.37 2.24
C ILE B 81 3.27 23.13 2.05
N LEU B 82 2.48 24.20 2.07
CA LEU B 82 1.03 24.05 1.96
C LEU B 82 0.63 23.48 0.61
N LEU B 83 1.26 23.99 -0.46
CA LEU B 83 1.00 23.51 -1.81
C LEU B 83 1.39 22.04 -1.99
N ARG B 84 2.56 21.65 -1.50
CA ARG B 84 2.94 20.23 -1.55
C ARG B 84 1.97 19.34 -0.76
N ALA B 85 1.61 19.76 0.44
CA ALA B 85 0.72 18.96 1.27
C ALA B 85 -0.68 18.86 0.67
N GLY B 86 -1.10 19.91 -0.05
CA GLY B 86 -2.49 19.98 -0.45
C GLY B 86 -2.80 19.71 -1.91
N TRP B 87 -1.77 19.60 -2.75
CA TRP B 87 -1.98 19.71 -4.20
C TRP B 87 -2.91 18.63 -4.74
N ASN B 88 -2.75 17.42 -4.24
CA ASN B 88 -3.53 16.29 -4.70
C ASN B 88 -5.02 16.43 -4.34
N GLU B 89 -5.31 16.82 -3.11
CA GLU B 89 -6.70 17.02 -2.68
C GLU B 89 -7.34 18.19 -3.42
N LEU B 90 -6.58 19.27 -3.59
CA LEU B 90 -7.05 20.45 -4.29
C LEU B 90 -7.42 20.12 -5.72
N LEU B 91 -6.59 19.29 -6.35
CA LEU B 91 -6.81 18.88 -7.73
C LEU B 91 -8.04 17.98 -7.85
N ILE B 92 -8.08 16.94 -7.00
CA ILE B 92 -9.22 16.02 -6.96
C ILE B 92 -10.55 16.76 -6.72
N ALA B 93 -10.54 17.71 -5.79
CA ALA B 93 -11.72 18.49 -5.49
C ALA B 93 -12.17 19.28 -6.73
N SER B 94 -11.23 19.91 -7.43
CA SER B 94 -11.55 20.65 -8.67
C SER B 94 -12.17 19.80 -9.76
N PHE B 95 -11.51 18.70 -10.12
CA PHE B 95 -12.04 17.90 -11.21
C PHE B 95 -13.32 17.12 -10.83
N SER B 96 -13.45 16.77 -9.56
CA SER B 96 -14.68 16.14 -9.06
C SER B 96 -15.85 17.10 -9.25
N HIS B 97 -15.67 18.33 -8.79
CA HIS B 97 -16.73 19.32 -8.97
C HIS B 97 -17.00 19.59 -10.45
N ARG B 98 -15.96 19.66 -11.28
CA ARG B 98 -16.14 19.91 -12.71
C ARG B 98 -16.97 18.80 -13.37
N SER B 99 -16.93 17.62 -12.76
CA SER B 99 -17.51 16.42 -13.34
C SER B 99 -18.97 16.21 -12.99
N ILE B 100 -19.55 17.12 -12.23
CA ILE B 100 -20.98 17.11 -12.03
C ILE B 100 -21.66 17.25 -13.40
N ALA B 101 -20.99 17.98 -14.30
CA ALA B 101 -21.44 18.21 -15.67
C ALA B 101 -21.56 16.94 -16.53
N VAL B 102 -21.00 15.84 -16.06
CA VAL B 102 -21.12 14.57 -16.76
C VAL B 102 -21.61 13.43 -15.85
N LYS B 103 -21.98 12.32 -16.48
CA LYS B 103 -22.32 11.10 -15.76
C LYS B 103 -21.22 10.05 -16.01
N ASP B 104 -20.78 9.39 -14.94
CA ASP B 104 -19.81 8.29 -15.04
C ASP B 104 -18.43 8.63 -15.62
N GLY B 105 -18.03 9.89 -15.54
CA GLY B 105 -16.70 10.23 -15.98
C GLY B 105 -16.05 11.35 -15.19
N ILE B 106 -14.78 11.59 -15.48
CA ILE B 106 -14.09 12.74 -14.92
C ILE B 106 -13.76 13.70 -16.06
N LEU B 107 -14.15 14.96 -15.90
CA LEU B 107 -13.77 16.02 -16.84
C LEU B 107 -12.52 16.74 -16.33
N LEU B 108 -11.43 16.62 -17.06
CA LEU B 108 -10.20 17.30 -16.67
C LEU B 108 -10.19 18.74 -17.21
N ALA B 109 -9.27 19.55 -16.69
CA ALA B 109 -9.23 20.96 -17.03
C ALA B 109 -8.84 21.21 -18.48
N THR B 110 -8.18 20.22 -19.09
CA THR B 110 -7.73 20.30 -20.47
C THR B 110 -8.87 20.06 -21.48
N GLY B 111 -9.93 19.40 -21.04
CA GLY B 111 -11.01 19.01 -21.93
C GLY B 111 -11.13 17.49 -22.05
N LEU B 112 -10.10 16.78 -21.58
CA LEU B 112 -10.12 15.32 -21.58
C LEU B 112 -11.26 14.76 -20.72
N HIS B 113 -12.10 13.95 -21.34
CA HIS B 113 -13.19 13.30 -20.64
C HIS B 113 -12.82 11.84 -20.41
N VAL B 114 -12.47 11.52 -19.16
CA VAL B 114 -12.08 10.16 -18.84
C VAL B 114 -13.28 9.30 -18.47
N HIS B 115 -13.45 8.20 -19.19
CA HIS B 115 -14.54 7.28 -18.91
C HIS B 115 -14.05 6.09 -18.13
N ARG B 116 -15.00 5.25 -17.71
CA ARG B 116 -14.68 4.09 -16.92
C ARG B 116 -13.75 3.13 -17.64
N ASN B 117 -13.95 2.91 -18.93
CA ASN B 117 -13.08 2.00 -19.67
C ASN B 117 -11.60 2.44 -19.64
N SER B 118 -11.36 3.74 -19.81
CA SER B 118 -10.00 4.27 -19.77
C SER B 118 -9.41 4.07 -18.40
N ALA B 119 -10.21 4.35 -17.37
CA ALA B 119 -9.76 4.22 -16.00
C ALA B 119 -9.44 2.77 -15.68
N HIS B 120 -10.22 1.84 -16.22
CA HIS B 120 -9.93 0.40 -16.05
C HIS B 120 -8.64 -0.02 -16.75
N SER B 121 -8.49 0.35 -18.02
CA SER B 121 -7.25 0.08 -18.74
C SER B 121 -6.05 0.63 -17.99
N ALA B 122 -6.22 1.82 -17.41
CA ALA B 122 -5.15 2.50 -16.72
C ALA B 122 -4.82 1.81 -15.40
N GLY B 123 -5.64 0.82 -15.05
CA GLY B 123 -5.48 0.09 -13.80
C GLY B 123 -5.95 0.82 -12.55
N VAL B 124 -6.70 1.91 -12.72
CA VAL B 124 -7.18 2.65 -11.56
C VAL B 124 -8.71 2.73 -11.48
N GLY B 125 -9.39 1.70 -11.97
CA GLY B 125 -10.85 1.67 -11.93
C GLY B 125 -11.45 1.81 -10.55
N ALA B 126 -10.81 1.19 -9.55
CA ALA B 126 -11.32 1.21 -8.20
C ALA B 126 -11.31 2.62 -7.60
N ILE B 127 -10.18 3.31 -7.74
CA ILE B 127 -10.06 4.68 -7.23
C ILE B 127 -11.01 5.60 -7.99
N PHE B 128 -11.12 5.36 -9.30
CA PHE B 128 -12.00 6.11 -10.16
C PHE B 128 -13.44 6.03 -9.65
N ASP B 129 -13.87 4.83 -9.28
CA ASP B 129 -15.23 4.62 -8.81
C ASP B 129 -15.46 5.31 -7.46
N ARG B 130 -14.44 5.35 -6.60
CA ARG B 130 -14.56 6.10 -5.34
C ARG B 130 -14.77 7.60 -5.57
N VAL B 131 -14.01 8.17 -6.50
CA VAL B 131 -14.15 9.57 -6.87
C VAL B 131 -15.59 9.87 -7.30
N LEU B 132 -16.14 9.01 -8.14
CA LEU B 132 -17.50 9.22 -8.63
C LEU B 132 -18.52 9.07 -7.51
N THR B 133 -18.36 8.04 -6.69
CA THR B 133 -19.33 7.71 -5.64
C THR B 133 -19.26 8.62 -4.40
N GLU B 134 -18.06 8.79 -3.85
CA GLU B 134 -17.84 9.55 -2.61
C GLU B 134 -17.75 11.07 -2.80
N LEU B 135 -17.36 11.51 -3.99
CA LEU B 135 -17.22 12.95 -4.24
C LEU B 135 -18.18 13.47 -5.30
N VAL B 136 -18.03 13.00 -6.54
CA VAL B 136 -18.78 13.60 -7.64
C VAL B 136 -20.29 13.50 -7.39
N SER B 137 -20.77 12.29 -7.15
CA SER B 137 -22.19 12.10 -7.01
C SER B 137 -22.74 12.76 -5.74
N LYS B 138 -21.90 12.89 -4.72
N LYS B 138 -21.90 12.87 -4.71
CA LYS B 138 -22.33 13.53 -3.47
CA LYS B 138 -22.30 13.53 -3.46
C LYS B 138 -22.33 15.05 -3.60
C LYS B 138 -22.35 15.04 -3.63
N MET B 139 -21.43 15.58 -4.42
CA MET B 139 -21.41 17.00 -4.74
C MET B 139 -22.68 17.31 -5.53
N ARG B 140 -22.99 16.44 -6.50
CA ARG B 140 -24.18 16.56 -7.32
C ARG B 140 -25.45 16.47 -6.47
N ASP B 141 -25.47 15.56 -5.50
CA ASP B 141 -26.66 15.37 -4.67
C ASP B 141 -27.01 16.62 -3.89
N MET B 142 -26.00 17.36 -3.45
CA MET B 142 -26.28 18.57 -2.69
C MET B 142 -26.16 19.84 -3.53
N GLN B 143 -25.86 19.68 -4.82
CA GLN B 143 -25.62 20.83 -5.70
C GLN B 143 -24.61 21.82 -5.09
N MET B 144 -23.49 21.28 -4.63
CA MET B 144 -22.42 22.12 -4.09
C MET B 144 -22.09 23.18 -5.12
N ASP B 145 -22.10 24.44 -4.71
CA ASP B 145 -21.86 25.48 -5.70
C ASP B 145 -20.40 25.87 -5.74
N LYS B 146 -20.05 26.80 -6.63
CA LYS B 146 -18.66 27.17 -6.84
C LYS B 146 -18.10 27.98 -5.70
N THR B 147 -18.94 28.74 -5.00
CA THR B 147 -18.49 29.46 -3.83
C THR B 147 -18.09 28.46 -2.74
N GLU B 148 -18.95 27.47 -2.51
CA GLU B 148 -18.70 26.44 -1.51
C GLU B 148 -17.45 25.61 -1.87
N LEU B 149 -17.28 25.32 -3.16
CA LEU B 149 -16.08 24.62 -3.63
C LEU B 149 -14.82 25.41 -3.32
N GLY B 150 -14.85 26.71 -3.60
CA GLY B 150 -13.73 27.59 -3.33
C GLY B 150 -13.37 27.64 -1.86
N CYS B 151 -14.39 27.74 -1.02
CA CYS B 151 -14.17 27.75 0.43
C CYS B 151 -13.58 26.42 0.92
N LEU B 152 -14.14 25.31 0.46
CA LEU B 152 -13.67 24.00 0.87
C LEU B 152 -12.23 23.81 0.44
N ARG B 153 -11.88 24.30 -0.75
CA ARG B 153 -10.50 24.14 -1.21
C ARG B 153 -9.54 25.01 -0.41
N ALA B 154 -9.98 26.20 -0.03
CA ALA B 154 -9.19 27.11 0.79
C ALA B 154 -8.93 26.55 2.20
N ILE B 155 -9.93 25.84 2.75
CA ILE B 155 -9.77 25.12 4.02
C ILE B 155 -8.71 24.03 3.86
N VAL B 156 -8.80 23.30 2.76
CA VAL B 156 -7.78 22.30 2.46
C VAL B 156 -6.38 22.92 2.33
N LEU B 157 -6.27 24.05 1.64
CA LEU B 157 -5.00 24.74 1.44
C LEU B 157 -4.39 25.14 2.79
N PHE B 158 -5.18 25.83 3.60
CA PHE B 158 -4.73 26.28 4.91
C PHE B 158 -4.77 25.11 5.89
N ASN B 159 -3.87 24.14 5.67
CA ASN B 159 -3.82 22.92 6.47
C ASN B 159 -2.77 23.01 7.57
N PRO B 160 -3.22 23.27 8.80
CA PRO B 160 -2.34 23.56 9.93
C PRO B 160 -1.59 22.33 10.42
N ASP B 161 -1.95 21.15 9.90
CA ASP B 161 -1.24 19.89 10.19
C ASP B 161 -0.06 19.65 9.23
N SER B 162 0.13 20.55 8.26
CA SER B 162 1.21 20.38 7.29
C SER B 162 2.53 20.44 8.03
N LYS B 163 3.39 19.45 7.80
CA LYS B 163 4.63 19.32 8.56
C LYS B 163 5.66 20.36 8.11
N GLY B 164 6.21 21.08 9.10
CA GLY B 164 7.34 21.96 8.88
C GLY B 164 7.00 23.42 8.83
N LEU B 165 5.72 23.76 9.05
CA LEU B 165 5.27 25.14 8.97
C LEU B 165 5.99 25.98 10.01
N SER B 166 6.42 27.17 9.62
CA SER B 166 7.05 28.07 10.59
C SER B 166 6.08 28.45 11.73
N ASN B 167 4.81 28.66 11.38
CA ASN B 167 3.80 29.05 12.37
C ASN B 167 2.44 28.44 12.10
N PRO B 168 2.22 27.20 12.57
CA PRO B 168 0.97 26.49 12.31
C PRO B 168 -0.29 27.21 12.82
N ALA B 169 -0.22 27.91 13.96
CA ALA B 169 -1.41 28.61 14.48
C ALA B 169 -1.90 29.71 13.53
N GLU B 170 -0.97 30.31 12.81
CA GLU B 170 -1.29 31.33 11.82
C GLU B 170 -2.12 30.75 10.66
N VAL B 171 -1.85 29.49 10.35
CA VAL B 171 -2.54 28.79 9.26
C VAL B 171 -3.91 28.28 9.73
N GLU B 172 -3.96 27.79 10.96
CA GLU B 172 -5.24 27.45 11.59
C GLU B 172 -6.12 28.70 11.71
N ALA B 173 -5.52 29.83 12.08
CA ALA B 173 -6.26 31.09 12.14
C ALA B 173 -6.87 31.47 10.79
N LEU B 174 -6.11 31.31 9.70
CA LEU B 174 -6.65 31.58 8.36
C LEU B 174 -7.78 30.58 8.01
N ARG B 175 -7.55 29.30 8.30
CA ARG B 175 -8.58 28.28 8.10
C ARG B 175 -9.89 28.64 8.81
N GLU B 176 -9.80 29.10 10.05
CA GLU B 176 -10.98 29.43 10.84
C GLU B 176 -11.75 30.57 10.22
N LYS B 177 -11.03 31.54 9.64
CA LYS B 177 -11.68 32.65 8.95
C LYS B 177 -12.49 32.11 7.79
N VAL B 178 -11.91 31.17 7.06
CA VAL B 178 -12.56 30.66 5.86
C VAL B 178 -13.83 29.90 6.22
N TYR B 179 -13.75 29.00 7.19
CA TYR B 179 -14.96 28.24 7.50
C TYR B 179 -16.06 29.06 8.18
N ALA B 180 -15.72 30.11 8.90
CA ALA B 180 -16.77 31.05 9.37
C ALA B 180 -17.47 31.73 8.19
N SER B 181 -16.70 32.09 7.17
CA SER B 181 -17.27 32.77 6.01
C SER B 181 -18.18 31.81 5.26
N LEU B 182 -17.71 30.59 5.07
CA LEU B 182 -18.49 29.55 4.42
C LEU B 182 -19.81 29.29 5.15
N GLU B 183 -19.75 29.18 6.47
CA GLU B 183 -20.95 28.94 7.26
C GLU B 183 -21.98 30.07 7.12
N ALA B 184 -21.52 31.32 7.23
CA ALA B 184 -22.41 32.46 7.08
C ALA B 184 -23.01 32.50 5.66
N TYR B 185 -22.19 32.15 4.67
CA TYR B 185 -22.67 32.05 3.30
C TYR B 185 -23.76 31.00 3.14
N CYS B 186 -23.54 29.80 3.67
CA CYS B 186 -24.53 28.72 3.53
C CYS B 186 -25.84 29.07 4.24
N LYS B 187 -25.72 29.69 5.41
CA LYS B 187 -26.91 30.03 6.19
C LYS B 187 -27.69 31.17 5.56
N HIS B 188 -26.99 32.04 4.85
CA HIS B 188 -27.65 33.15 4.18
C HIS B 188 -28.27 32.68 2.87
N LYS B 189 -27.51 31.93 2.09
CA LYS B 189 -27.94 31.50 0.76
C LYS B 189 -28.95 30.36 0.84
N TYR B 190 -28.75 29.45 1.79
CA TYR B 190 -29.61 28.27 1.86
C TYR B 190 -30.19 28.11 3.25
N PRO B 191 -31.01 29.07 3.70
CA PRO B 191 -31.50 28.95 5.09
C PRO B 191 -32.38 27.74 5.31
N GLU B 192 -32.96 27.19 4.25
CA GLU B 192 -33.81 26.01 4.40
C GLU B 192 -33.01 24.71 4.59
N GLN B 193 -31.69 24.78 4.54
CA GLN B 193 -30.84 23.59 4.70
C GLN B 193 -29.89 23.81 5.87
N PRO B 194 -30.40 23.69 7.10
CA PRO B 194 -29.53 24.00 8.24
C PRO B 194 -28.32 23.06 8.33
N GLY B 195 -28.43 21.87 7.76
CA GLY B 195 -27.33 20.92 7.84
C GLY B 195 -26.29 21.00 6.73
N ARG B 196 -26.41 22.02 5.87
CA ARG B 196 -25.54 22.11 4.70
C ARG B 196 -24.05 22.33 5.00
N PHE B 197 -23.73 23.34 5.81
CA PHE B 197 -22.35 23.61 6.23
C PHE B 197 -21.61 22.35 6.69
N ALA B 198 -22.24 21.63 7.62
CA ALA B 198 -21.62 20.43 8.18
C ALA B 198 -21.46 19.37 7.10
N LYS B 199 -22.48 19.23 6.26
CA LYS B 199 -22.42 18.26 5.18
C LYS B 199 -21.27 18.54 4.22
N LEU B 200 -21.01 19.83 3.97
CA LEU B 200 -19.85 20.20 3.15
C LEU B 200 -18.53 19.76 3.81
N LEU B 201 -18.36 20.10 5.08
CA LEU B 201 -17.17 19.71 5.81
C LEU B 201 -17.02 18.20 5.82
N LEU B 202 -18.14 17.49 5.80
CA LEU B 202 -18.09 16.04 6.01
C LEU B 202 -17.83 15.26 4.73
N ARG B 203 -17.53 15.98 3.64
CA ARG B 203 -16.91 15.37 2.45
C ARG B 203 -15.38 15.40 2.54
N LEU B 204 -14.84 16.22 3.43
CA LEU B 204 -13.40 16.29 3.60
C LEU B 204 -12.70 14.98 4.01
N PRO B 205 -13.32 14.16 4.88
CA PRO B 205 -12.57 12.92 5.15
C PRO B 205 -12.46 12.03 3.92
N ALA B 206 -13.49 12.00 3.09
CA ALA B 206 -13.45 11.19 1.89
C ALA B 206 -12.39 11.73 0.94
N LEU B 207 -12.34 13.04 0.80
CA LEU B 207 -11.31 13.69 -0.03
C LEU B 207 -9.91 13.30 0.46
N ARG B 208 -9.73 13.25 1.77
CA ARG B 208 -8.45 12.87 2.40
C ARG B 208 -8.04 11.44 2.02
N SER B 209 -8.90 10.46 2.27
CA SER B 209 -8.59 9.08 1.92
C SER B 209 -8.35 8.89 0.42
N ILE B 210 -9.21 9.48 -0.40
CA ILE B 210 -9.05 9.35 -1.85
C ILE B 210 -7.76 10.05 -2.33
N GLY B 211 -7.42 11.16 -1.71
CA GLY B 211 -6.17 11.84 -2.00
C GLY B 211 -4.97 10.95 -1.73
N LEU B 212 -4.97 10.25 -0.58
CA LEU B 212 -3.90 9.31 -0.26
C LEU B 212 -3.79 8.20 -1.28
N LYS B 213 -4.94 7.63 -1.64
CA LYS B 213 -4.97 6.57 -2.65
C LYS B 213 -4.49 7.05 -4.02
N CYS B 214 -4.78 8.31 -4.37
CA CYS B 214 -4.41 8.83 -5.69
C CYS B 214 -2.92 9.07 -5.79
N LEU B 215 -2.34 9.63 -4.73
CA LEU B 215 -0.91 9.87 -4.67
C LEU B 215 -0.17 8.54 -4.70
N GLU B 216 -0.69 7.58 -3.95
CA GLU B 216 -0.17 6.23 -3.83
C GLU B 216 -0.13 5.48 -5.17
N HIS B 217 -1.18 5.60 -5.97
CA HIS B 217 -1.21 4.91 -7.26
C HIS B 217 -0.98 5.85 -8.45
N LEU B 218 -0.51 7.05 -8.19
CA LEU B 218 -0.25 8.05 -9.26
C LEU B 218 -1.42 8.23 -10.23
N PHE B 219 -2.62 8.23 -9.65
CA PHE B 219 -3.90 8.29 -10.36
C PHE B 219 -3.92 9.27 -11.52
N PHE B 220 -3.63 10.54 -11.23
CA PHE B 220 -3.76 11.62 -12.21
C PHE B 220 -2.80 11.36 -13.35
N PHE B 221 -1.61 10.89 -13.01
CA PHE B 221 -0.57 10.68 -14.00
C PHE B 221 -0.87 9.49 -14.88
N LYS B 222 -1.44 8.43 -14.30
CA LYS B 222 -1.86 7.30 -15.11
C LYS B 222 -2.99 7.66 -16.06
N LEU B 223 -3.90 8.53 -15.62
CA LEU B 223 -5.05 8.91 -16.43
C LEU B 223 -4.60 9.64 -17.67
N ILE B 224 -3.79 10.67 -17.46
CA ILE B 224 -3.39 11.51 -18.56
C ILE B 224 -2.21 10.91 -19.30
N GLY B 225 -1.70 9.80 -18.80
CA GLY B 225 -0.46 9.24 -19.33
C GLY B 225 -0.56 7.86 -19.95
N ASP B 226 -1.62 7.12 -19.60
CA ASP B 226 -1.75 5.73 -20.04
C ASP B 226 -1.73 5.59 -21.55
N THR B 227 -2.64 6.30 -22.22
CA THR B 227 -2.75 6.20 -23.68
C THR B 227 -1.51 6.69 -24.41
N PRO B 228 -1.01 7.90 -24.09
CA PRO B 228 0.22 8.35 -24.76
C PRO B 228 1.41 7.40 -24.59
N ILE B 229 1.44 6.66 -23.49
CA ILE B 229 2.53 5.70 -23.32
C ILE B 229 2.35 4.49 -24.22
N ASP B 230 1.16 3.89 -24.21
CA ASP B 230 0.83 2.79 -25.11
C ASP B 230 1.10 3.18 -26.55
N THR B 231 0.64 4.37 -26.95
CA THR B 231 0.89 4.88 -28.29
C THR B 231 2.37 4.99 -28.61
N PHE B 232 3.15 5.62 -27.74
CA PHE B 232 4.59 5.72 -27.96
C PHE B 232 5.24 4.34 -28.06
N LEU B 233 4.88 3.44 -27.16
CA LEU B 233 5.43 2.09 -27.18
C LEU B 233 5.09 1.39 -28.48
N MET B 234 3.82 1.45 -28.85
CA MET B 234 3.34 0.74 -30.02
C MET B 234 4.04 1.22 -31.30
N GLU B 235 4.11 2.54 -31.46
CA GLU B 235 4.74 3.11 -32.65
C GLU B 235 6.19 2.68 -32.72
N MET B 236 6.86 2.64 -31.57
CA MET B 236 8.25 2.22 -31.52
C MET B 236 8.45 0.75 -31.85
N LEU B 237 7.57 -0.11 -31.36
CA LEU B 237 7.70 -1.54 -31.58
C LEU B 237 7.39 -1.93 -33.04
N GLU B 238 6.51 -1.16 -33.68
CA GLU B 238 6.20 -1.35 -35.09
C GLU B 238 7.29 -0.76 -35.97
N ALA B 239 7.94 0.28 -35.46
CA ALA B 239 8.98 0.99 -36.20
C ALA B 239 10.15 0.09 -36.51
N PRO B 240 10.74 0.25 -37.70
CA PRO B 240 11.93 -0.48 -38.14
C PRO B 240 13.13 -0.33 -37.19
N ASN C 44 -15.95 -18.77 21.29
CA ASN C 44 -16.90 -17.70 21.63
C ASN C 44 -16.31 -16.30 21.42
N ASP C 45 -15.01 -16.17 21.65
CA ASP C 45 -14.32 -14.91 21.50
C ASP C 45 -13.49 -14.95 20.23
N PRO C 46 -13.92 -14.20 19.22
CA PRO C 46 -13.45 -14.39 17.85
C PRO C 46 -11.96 -14.14 17.65
N VAL C 47 -11.42 -13.06 18.23
CA VAL C 47 -10.01 -12.73 18.03
C VAL C 47 -9.16 -13.81 18.65
N THR C 48 -9.52 -14.22 19.86
CA THR C 48 -8.82 -15.26 20.57
C THR C 48 -8.83 -16.57 19.81
N ASN C 49 -9.99 -16.94 19.25
CA ASN C 49 -10.04 -18.15 18.43
C ASN C 49 -9.16 -18.06 17.19
N ILE C 50 -9.17 -16.89 16.54
CA ILE C 50 -8.31 -16.64 15.40
C ILE C 50 -6.84 -16.78 15.78
N CYS C 51 -6.46 -16.20 16.91
CA CYS C 51 -5.07 -16.29 17.37
C CYS C 51 -4.70 -17.73 17.64
N GLN C 52 -5.64 -18.48 18.22
CA GLN C 52 -5.40 -19.89 18.50
C GLN C 52 -5.09 -20.60 17.20
N ALA C 53 -5.88 -20.31 16.17
CA ALA C 53 -5.68 -20.94 14.88
C ALA C 53 -4.31 -20.57 14.30
N ALA C 54 -3.97 -19.28 14.40
CA ALA C 54 -2.64 -18.81 14.01
C ALA C 54 -1.55 -19.55 14.78
N ASP C 55 -1.78 -19.71 16.08
CA ASP C 55 -0.84 -20.38 16.97
C ASP C 55 -0.54 -21.77 16.45
N LYS C 56 -1.59 -22.56 16.27
CA LYS C 56 -1.45 -23.92 15.74
C LYS C 56 -0.73 -23.96 14.38
N GLN C 57 -1.08 -23.04 13.48
CA GLN C 57 -0.45 -23.02 12.16
C GLN C 57 1.04 -22.75 12.24
N LEU C 58 1.41 -21.75 13.03
CA LEU C 58 2.81 -21.39 13.17
C LEU C 58 3.63 -22.54 13.80
N PHE C 59 3.04 -23.23 14.78
CA PHE C 59 3.74 -24.37 15.37
C PHE C 59 3.94 -25.53 14.39
N THR C 60 2.96 -25.78 13.53
CA THR C 60 3.13 -26.75 12.46
C THR C 60 4.38 -26.44 11.65
N LEU C 61 4.57 -25.17 11.33
CA LEU C 61 5.72 -24.73 10.55
C LEU C 61 7.03 -24.92 11.29
N VAL C 62 7.04 -24.62 12.59
CA VAL C 62 8.23 -24.73 13.41
C VAL C 62 8.70 -26.20 13.50
N GLU C 63 7.75 -27.10 13.65
CA GLU C 63 8.05 -28.52 13.71
C GLU C 63 8.61 -28.97 12.39
N TRP C 64 8.04 -28.45 11.31
CA TRP C 64 8.50 -28.81 9.97
C TRP C 64 9.97 -28.39 9.81
N ALA C 65 10.26 -27.14 10.15
CA ALA C 65 11.62 -26.60 10.00
C ALA C 65 12.65 -27.36 10.83
N LYS C 66 12.25 -27.79 12.03
CA LYS C 66 13.15 -28.55 12.90
C LYS C 66 13.53 -29.90 12.29
N ARG C 67 12.65 -30.43 11.45
CA ARG C 67 12.93 -31.68 10.74
C ARG C 67 13.81 -31.49 9.50
N ILE C 68 14.06 -30.25 9.10
CA ILE C 68 14.98 -29.97 7.99
C ILE C 68 16.41 -30.06 8.50
N PRO C 69 17.25 -30.90 7.86
CA PRO C 69 18.64 -31.06 8.32
C PRO C 69 19.38 -29.74 8.41
N HIS C 70 19.96 -29.50 9.59
CA HIS C 70 20.83 -28.35 9.89
C HIS C 70 20.12 -27.08 10.33
N PHE C 71 18.80 -27.03 10.21
CA PHE C 71 18.08 -25.84 10.65
C PHE C 71 18.28 -25.64 12.15
N SER C 72 18.09 -26.70 12.91
CA SER C 72 18.18 -26.64 14.37
C SER C 72 19.61 -26.43 14.86
N GLU C 73 20.58 -26.62 13.98
CA GLU C 73 21.96 -26.38 14.36
C GLU C 73 22.33 -24.90 14.24
N LEU C 74 21.49 -24.14 13.55
CA LEU C 74 21.67 -22.69 13.46
C LEU C 74 21.37 -22.07 14.81
N PRO C 75 21.94 -20.88 15.10
CA PRO C 75 21.62 -20.18 16.34
C PRO C 75 20.12 -19.98 16.48
N LEU C 76 19.60 -20.01 17.71
CA LEU C 76 18.16 -19.86 17.92
C LEU C 76 17.58 -18.53 17.43
N ASP C 77 18.37 -17.46 17.51
CA ASP C 77 17.95 -16.15 17.02
C ASP C 77 17.77 -16.21 15.52
N ASP C 78 18.77 -16.77 14.85
CA ASP C 78 18.70 -16.98 13.41
C ASP C 78 17.54 -17.87 12.99
N GLN C 79 17.18 -18.85 13.83
CA GLN C 79 16.02 -19.66 13.55
C GLN C 79 14.74 -18.81 13.63
N VAL C 80 14.67 -17.92 14.62
CA VAL C 80 13.49 -17.06 14.76
C VAL C 80 13.41 -16.12 13.57
N ILE C 81 14.57 -15.60 13.16
CA ILE C 81 14.64 -14.67 12.04
C ILE C 81 14.18 -15.30 10.74
N LEU C 82 14.62 -16.53 10.48
CA LEU C 82 14.20 -17.25 9.29
C LEU C 82 12.70 -17.58 9.29
N LEU C 83 12.14 -17.90 10.46
CA LEU C 83 10.73 -18.26 10.49
C LEU C 83 9.83 -17.01 10.33
N ARG C 84 10.23 -15.91 10.96
CA ARG C 84 9.52 -14.64 10.81
C ARG C 84 9.58 -14.16 9.36
N ALA C 85 10.77 -14.19 8.78
CA ALA C 85 10.94 -13.76 7.40
C ALA C 85 10.19 -14.64 6.41
N GLY C 86 10.08 -15.92 6.72
CA GLY C 86 9.56 -16.88 5.76
C GLY C 86 8.15 -17.38 5.95
N TRP C 87 7.54 -17.18 7.12
CA TRP C 87 6.28 -17.88 7.45
C TRP C 87 5.18 -17.70 6.40
N ASN C 88 5.06 -16.47 5.90
CA ASN C 88 4.07 -16.15 4.90
C ASN C 88 4.19 -17.00 3.62
N GLU C 89 5.30 -16.85 2.91
CA GLU C 89 5.53 -17.63 1.70
C GLU C 89 5.43 -19.13 2.00
N LEU C 90 5.93 -19.56 3.15
CA LEU C 90 5.89 -20.98 3.48
C LEU C 90 4.47 -21.52 3.53
N LEU C 91 3.61 -20.78 4.23
CA LEU C 91 2.21 -21.14 4.38
C LEU C 91 1.48 -21.07 3.04
N ILE C 92 1.73 -20.00 2.28
CA ILE C 92 1.16 -19.85 0.94
C ILE C 92 1.61 -20.97 0.00
N ALA C 93 2.90 -21.30 0.02
CA ALA C 93 3.42 -22.38 -0.79
C ALA C 93 2.69 -23.67 -0.42
N SER C 94 2.52 -23.86 0.88
CA SER C 94 1.90 -25.07 1.37
C SER C 94 0.44 -25.17 0.95
N PHE C 95 -0.35 -24.13 1.22
CA PHE C 95 -1.76 -24.27 0.90
C PHE C 95 -2.04 -24.23 -0.60
N SER C 96 -1.17 -23.57 -1.37
CA SER C 96 -1.31 -23.56 -2.84
C SER C 96 -1.18 -24.96 -3.45
N HIS C 97 -0.19 -25.72 -2.97
CA HIS C 97 0.01 -27.06 -3.47
C HIS C 97 -1.17 -27.97 -3.08
N ARG C 98 -1.67 -27.79 -1.87
CA ARG C 98 -2.79 -28.58 -1.38
C ARG C 98 -4.04 -28.31 -2.21
N SER C 99 -4.14 -27.10 -2.74
CA SER C 99 -5.34 -26.69 -3.48
C SER C 99 -5.34 -27.15 -4.93
N ILE C 100 -4.34 -27.94 -5.31
CA ILE C 100 -4.21 -28.44 -6.68
C ILE C 100 -5.40 -29.27 -7.15
N ALA C 101 -5.95 -30.07 -6.25
CA ALA C 101 -6.99 -31.03 -6.62
C ALA C 101 -8.38 -30.42 -6.64
N VAL C 102 -8.51 -29.19 -6.15
CA VAL C 102 -9.84 -28.60 -5.98
C VAL C 102 -10.17 -27.53 -7.00
N LYS C 103 -11.48 -27.31 -7.16
CA LYS C 103 -12.02 -26.38 -8.13
C LYS C 103 -12.19 -24.98 -7.53
N ASP C 104 -11.51 -24.01 -8.14
CA ASP C 104 -11.72 -22.58 -7.87
C ASP C 104 -11.49 -22.14 -6.42
N GLY C 105 -10.79 -22.94 -5.63
CA GLY C 105 -10.69 -22.66 -4.22
C GLY C 105 -9.34 -22.92 -3.59
N ILE C 106 -9.25 -22.63 -2.30
CA ILE C 106 -8.03 -22.86 -1.54
C ILE C 106 -8.34 -23.75 -0.34
N LEU C 107 -7.60 -24.83 -0.20
CA LEU C 107 -7.73 -25.67 0.99
C LEU C 107 -6.76 -25.21 2.04
N LEU C 108 -7.27 -24.69 3.14
CA LEU C 108 -6.41 -24.31 4.25
C LEU C 108 -6.07 -25.53 5.09
N ALA C 109 -5.03 -25.41 5.90
CA ALA C 109 -4.60 -26.55 6.71
C ALA C 109 -5.58 -26.71 7.86
N THR C 110 -6.38 -25.67 8.08
CA THR C 110 -7.38 -25.66 9.14
C THR C 110 -8.60 -26.49 8.74
N GLY C 111 -8.60 -27.00 7.51
CA GLY C 111 -9.70 -27.78 6.99
C GLY C 111 -10.64 -26.92 6.16
N LEU C 112 -10.63 -25.61 6.42
CA LEU C 112 -11.46 -24.65 5.71
C LEU C 112 -11.27 -24.72 4.19
N HIS C 113 -12.39 -24.81 3.48
CA HIS C 113 -12.38 -24.78 2.02
C HIS C 113 -12.88 -23.42 1.55
N VAL C 114 -11.95 -22.56 1.16
CA VAL C 114 -12.27 -21.19 0.77
C VAL C 114 -12.57 -21.03 -0.72
N HIS C 115 -13.78 -20.57 -1.05
CA HIS C 115 -14.14 -20.32 -2.44
C HIS C 115 -13.91 -18.87 -2.82
N ARG C 116 -14.02 -18.56 -4.10
CA ARG C 116 -13.76 -17.22 -4.60
C ARG C 116 -14.70 -16.22 -3.94
N ASN C 117 -15.98 -16.61 -3.85
CA ASN C 117 -17.00 -15.75 -3.25
C ASN C 117 -16.64 -15.31 -1.83
N SER C 118 -16.29 -16.29 -1.00
CA SER C 118 -15.86 -16.03 0.37
C SER C 118 -14.67 -15.07 0.40
N ALA C 119 -13.65 -15.36 -0.41
CA ALA C 119 -12.47 -14.52 -0.49
C ALA C 119 -12.80 -13.08 -0.89
N HIS C 120 -13.74 -12.93 -1.82
CA HIS C 120 -14.19 -11.60 -2.22
C HIS C 120 -15.03 -10.94 -1.12
N SER C 121 -15.85 -11.74 -0.44
CA SER C 121 -16.60 -11.26 0.71
C SER C 121 -15.68 -10.69 1.78
N ALA C 122 -14.53 -11.32 1.95
CA ALA C 122 -13.58 -10.91 2.97
C ALA C 122 -12.70 -9.75 2.51
N GLY C 123 -12.93 -9.28 1.29
CA GLY C 123 -12.18 -8.16 0.76
C GLY C 123 -10.81 -8.52 0.17
N VAL C 124 -10.55 -9.81 -0.03
CA VAL C 124 -9.25 -10.24 -0.57
C VAL C 124 -9.39 -11.07 -1.85
N GLY C 125 -10.26 -10.65 -2.75
CA GLY C 125 -10.48 -11.38 -3.99
C GLY C 125 -9.34 -11.30 -4.99
N ALA C 126 -8.68 -10.15 -5.09
CA ALA C 126 -7.58 -9.96 -6.04
C ALA C 126 -6.44 -10.89 -5.69
N ILE C 127 -6.07 -10.90 -4.40
CA ILE C 127 -4.97 -11.74 -3.93
C ILE C 127 -5.29 -13.21 -4.10
N PHE C 128 -6.54 -13.57 -3.80
CA PHE C 128 -7.03 -14.92 -4.04
C PHE C 128 -6.82 -15.32 -5.50
N ASP C 129 -7.31 -14.50 -6.42
CA ASP C 129 -7.09 -14.72 -7.85
C ASP C 129 -5.62 -14.99 -8.20
N ARG C 130 -4.72 -14.13 -7.73
CA ARG C 130 -3.29 -14.31 -7.98
C ARG C 130 -2.78 -15.64 -7.47
N VAL C 131 -3.25 -16.07 -6.31
CA VAL C 131 -2.82 -17.34 -5.75
C VAL C 131 -3.23 -18.44 -6.71
N LEU C 132 -4.46 -18.37 -7.21
CA LEU C 132 -4.98 -19.38 -8.13
C LEU C 132 -4.22 -19.40 -9.46
N THR C 133 -3.96 -18.21 -9.99
CA THR C 133 -3.42 -18.07 -11.34
C THR C 133 -1.91 -18.29 -11.40
N GLU C 134 -1.17 -17.69 -10.47
CA GLU C 134 0.30 -17.69 -10.47
C GLU C 134 0.92 -18.86 -9.70
N LEU C 135 0.13 -19.49 -8.84
CA LEU C 135 0.67 -20.57 -8.03
C LEU C 135 -0.02 -21.90 -8.23
N VAL C 136 -1.28 -21.98 -7.80
CA VAL C 136 -2.03 -23.23 -7.81
C VAL C 136 -2.14 -23.83 -9.20
N SER C 137 -2.61 -23.04 -10.17
CA SER C 137 -2.79 -23.55 -11.52
C SER C 137 -1.46 -23.99 -12.16
N LYS C 138 -0.38 -23.27 -11.85
CA LYS C 138 0.94 -23.59 -12.38
C LYS C 138 1.45 -24.86 -11.71
N MET C 139 1.18 -25.00 -10.42
CA MET C 139 1.55 -26.22 -9.70
C MET C 139 0.79 -27.40 -10.29
N ARG C 140 -0.51 -27.20 -10.51
CA ARG C 140 -1.34 -28.20 -11.15
C ARG C 140 -0.76 -28.59 -12.52
N ASP C 141 -0.51 -27.59 -13.36
CA ASP C 141 -0.10 -27.81 -14.76
C ASP C 141 1.21 -28.57 -14.94
N MET C 142 2.16 -28.33 -14.06
CA MET C 142 3.45 -29.01 -14.17
C MET C 142 3.49 -30.23 -13.26
N GLN C 143 2.39 -30.46 -12.54
CA GLN C 143 2.28 -31.53 -11.56
C GLN C 143 3.44 -31.52 -10.58
N MET C 144 3.72 -30.35 -10.01
CA MET C 144 4.72 -30.25 -8.95
C MET C 144 4.41 -31.29 -7.88
N ASP C 145 5.37 -32.18 -7.59
CA ASP C 145 5.15 -33.22 -6.57
C ASP C 145 5.52 -32.76 -5.17
N LYS C 146 5.29 -33.61 -4.18
CA LYS C 146 5.52 -33.21 -2.78
C LYS C 146 7.01 -33.05 -2.47
N THR C 147 7.86 -33.83 -3.12
CA THR C 147 9.29 -33.71 -2.88
C THR C 147 9.78 -32.37 -3.38
N GLU C 148 9.24 -31.95 -4.52
CA GLU C 148 9.61 -30.66 -5.10
C GLU C 148 9.13 -29.49 -4.23
N LEU C 149 7.89 -29.56 -3.75
CA LEU C 149 7.35 -28.54 -2.84
C LEU C 149 8.25 -28.39 -1.60
N GLY C 150 8.63 -29.51 -1.01
CA GLY C 150 9.45 -29.50 0.19
C GLY C 150 10.80 -28.83 -0.01
N CYS C 151 11.46 -29.21 -1.09
CA CYS C 151 12.68 -28.53 -1.50
C CYS C 151 12.45 -27.01 -1.71
N LEU C 152 11.40 -26.63 -2.43
CA LEU C 152 11.10 -25.20 -2.59
C LEU C 152 10.86 -24.51 -1.25
N ARG C 153 10.12 -25.16 -0.34
CA ARG C 153 9.90 -24.55 0.98
C ARG C 153 11.19 -24.44 1.77
N ALA C 154 12.07 -25.45 1.65
CA ALA C 154 13.34 -25.43 2.33
C ALA C 154 14.25 -24.33 1.77
N ILE C 155 14.19 -24.12 0.45
CA ILE C 155 14.90 -22.99 -0.18
C ILE C 155 14.42 -21.66 0.40
N VAL C 156 13.10 -21.46 0.41
CA VAL C 156 12.48 -20.30 1.02
C VAL C 156 12.86 -20.10 2.48
N LEU C 157 12.85 -21.17 3.25
CA LEU C 157 13.22 -21.12 4.67
C LEU C 157 14.64 -20.60 4.87
N PHE C 158 15.59 -21.23 4.15
CA PHE C 158 16.99 -20.84 4.23
C PHE C 158 17.22 -19.60 3.35
N ASN C 159 16.65 -18.47 3.78
CA ASN C 159 16.73 -17.21 3.04
C ASN C 159 17.85 -16.33 3.58
N PRO C 160 18.98 -16.28 2.85
CA PRO C 160 20.18 -15.57 3.30
C PRO C 160 19.99 -14.05 3.40
N ASP C 161 18.93 -13.51 2.79
CA ASP C 161 18.68 -12.07 2.79
C ASP C 161 17.95 -11.61 4.06
N SER C 162 17.52 -12.56 4.89
CA SER C 162 16.78 -12.24 6.11
C SER C 162 17.60 -11.33 7.02
N LYS C 163 17.01 -10.23 7.46
CA LYS C 163 17.76 -9.21 8.18
C LYS C 163 18.08 -9.64 9.62
N GLY C 164 19.34 -9.43 10.03
CA GLY C 164 19.76 -9.74 11.38
C GLY C 164 20.46 -11.08 11.52
N LEU C 165 20.65 -11.77 10.40
CA LEU C 165 21.30 -13.07 10.41
C LEU C 165 22.75 -12.92 10.84
N SER C 166 23.11 -13.56 11.95
CA SER C 166 24.49 -13.54 12.43
C SER C 166 25.45 -14.10 11.37
N ASN C 167 24.98 -15.07 10.58
CA ASN C 167 25.87 -15.73 9.62
C ASN C 167 25.15 -16.11 8.32
N PRO C 168 24.81 -15.13 7.48
CA PRO C 168 24.05 -15.37 6.23
C PRO C 168 24.73 -16.32 5.25
N ALA C 169 26.06 -16.29 5.19
CA ALA C 169 26.79 -17.13 4.24
C ALA C 169 26.49 -18.60 4.53
N GLU C 170 26.42 -18.93 5.81
CA GLU C 170 26.05 -20.26 6.26
C GLU C 170 24.66 -20.65 5.75
N VAL C 171 23.70 -19.73 5.84
CA VAL C 171 22.36 -19.96 5.33
C VAL C 171 22.31 -20.09 3.80
N GLU C 172 23.06 -19.26 3.08
CA GLU C 172 23.19 -19.42 1.64
C GLU C 172 23.71 -20.83 1.29
N ALA C 173 24.68 -21.31 2.08
CA ALA C 173 25.27 -22.63 1.84
C ALA C 173 24.28 -23.79 2.03
N LEU C 174 23.39 -23.67 3.01
CA LEU C 174 22.36 -24.68 3.20
C LEU C 174 21.38 -24.65 2.03
N ARG C 175 21.02 -23.45 1.59
CA ARG C 175 20.11 -23.28 0.46
C ARG C 175 20.69 -23.95 -0.78
N GLU C 176 22.00 -23.75 -0.99
CA GLU C 176 22.66 -24.34 -2.14
C GLU C 176 22.62 -25.88 -2.14
N LYS C 177 22.85 -26.47 -0.96
CA LYS C 177 22.73 -27.92 -0.80
C LYS C 177 21.32 -28.36 -1.16
N VAL C 178 20.34 -27.61 -0.69
CA VAL C 178 18.95 -27.92 -0.96
C VAL C 178 18.69 -27.86 -2.47
N TYR C 179 19.04 -26.77 -3.14
CA TYR C 179 18.70 -26.71 -4.56
C TYR C 179 19.49 -27.71 -5.42
N ALA C 180 20.73 -27.99 -5.04
CA ALA C 180 21.50 -29.05 -5.69
C ALA C 180 20.73 -30.36 -5.62
N SER C 181 20.15 -30.66 -4.45
CA SER C 181 19.39 -31.90 -4.29
C SER C 181 18.12 -31.89 -5.12
N LEU C 182 17.47 -30.74 -5.20
CA LEU C 182 16.25 -30.62 -5.98
C LEU C 182 16.54 -30.85 -7.47
N GLU C 183 17.66 -30.28 -7.93
CA GLU C 183 18.02 -30.43 -9.33
C GLU C 183 18.30 -31.90 -9.64
N ALA C 184 19.10 -32.54 -8.80
CA ALA C 184 19.41 -33.95 -8.97
C ALA C 184 18.12 -34.76 -9.03
N TYR C 185 17.16 -34.42 -8.17
CA TYR C 185 15.88 -35.12 -8.12
C TYR C 185 15.07 -34.98 -9.40
N CYS C 186 14.96 -33.75 -9.90
CA CYS C 186 14.19 -33.48 -11.11
C CYS C 186 14.76 -34.20 -12.33
N LYS C 187 16.08 -34.24 -12.43
CA LYS C 187 16.73 -34.87 -13.58
C LYS C 187 16.53 -36.38 -13.58
N HIS C 188 16.53 -36.98 -12.40
CA HIS C 188 16.34 -38.42 -12.27
C HIS C 188 14.88 -38.78 -12.50
N LYS C 189 13.99 -38.05 -11.82
CA LYS C 189 12.57 -38.34 -11.86
C LYS C 189 11.89 -37.85 -13.15
N TYR C 190 12.37 -36.75 -13.72
CA TYR C 190 11.76 -36.20 -14.95
C TYR C 190 12.79 -35.90 -16.05
N PRO C 191 13.47 -36.93 -16.55
CA PRO C 191 14.61 -36.72 -17.47
C PRO C 191 14.22 -36.06 -18.80
N GLU C 192 12.97 -36.24 -19.20
N GLU C 192 12.98 -36.25 -19.22
CA GLU C 192 12.49 -35.67 -20.46
CA GLU C 192 12.53 -35.65 -20.48
C GLU C 192 12.19 -34.17 -20.33
C GLU C 192 12.05 -34.20 -20.28
N GLN C 193 12.38 -33.64 -19.13
CA GLN C 193 12.04 -32.24 -18.82
C GLN C 193 13.26 -31.50 -18.29
N PRO C 194 14.18 -31.11 -19.20
CA PRO C 194 15.44 -30.50 -18.73
C PRO C 194 15.25 -29.14 -18.05
N GLY C 195 14.19 -28.42 -18.39
CA GLY C 195 13.97 -27.10 -17.81
C GLY C 195 13.10 -27.04 -16.55
N ARG C 196 12.78 -28.20 -15.98
CA ARG C 196 11.87 -28.29 -14.86
C ARG C 196 12.42 -27.64 -13.57
N PHE C 197 13.66 -27.94 -13.24
CA PHE C 197 14.32 -27.34 -12.08
C PHE C 197 14.21 -25.82 -12.10
N ALA C 198 14.51 -25.21 -13.25
CA ALA C 198 14.46 -23.77 -13.35
C ALA C 198 13.02 -23.27 -13.27
N LYS C 199 12.11 -24.03 -13.88
CA LYS C 199 10.70 -23.68 -13.85
C LYS C 199 10.14 -23.62 -12.41
N LEU C 200 10.63 -24.53 -11.55
CA LEU C 200 10.25 -24.55 -10.14
C LEU C 200 10.82 -23.33 -9.45
N LEU C 201 12.10 -23.08 -9.69
CA LEU C 201 12.76 -21.93 -9.09
C LEU C 201 12.08 -20.62 -9.49
N LEU C 202 11.48 -20.60 -10.69
CA LEU C 202 10.92 -19.37 -11.22
C LEU C 202 9.48 -19.10 -10.78
N ARG C 203 8.98 -19.94 -9.87
CA ARG C 203 7.72 -19.64 -9.20
C ARG C 203 7.97 -18.79 -7.96
N LEU C 204 9.22 -18.75 -7.51
CA LEU C 204 9.59 -18.00 -6.32
C LEU C 204 9.38 -16.47 -6.36
N PRO C 205 9.62 -15.83 -7.53
CA PRO C 205 9.30 -14.40 -7.59
C PRO C 205 7.82 -14.17 -7.37
N ALA C 206 6.97 -14.98 -7.99
CA ALA C 206 5.54 -14.90 -7.77
C ALA C 206 5.21 -15.09 -6.29
N LEU C 207 5.76 -16.13 -5.69
CA LEU C 207 5.53 -16.44 -4.27
C LEU C 207 5.94 -15.26 -3.39
N ARG C 208 7.06 -14.63 -3.73
CA ARG C 208 7.56 -13.48 -3.01
C ARG C 208 6.57 -12.31 -3.03
N SER C 209 6.07 -11.98 -4.21
CA SER C 209 5.18 -10.81 -4.33
C SER C 209 3.81 -11.09 -3.69
N ILE C 210 3.29 -12.30 -3.85
CA ILE C 210 2.03 -12.69 -3.23
C ILE C 210 2.20 -12.71 -1.72
N GLY C 211 3.34 -13.21 -1.28
CA GLY C 211 3.70 -13.23 0.13
C GLY C 211 3.66 -11.82 0.70
N LEU C 212 4.25 -10.87 -0.03
CA LEU C 212 4.18 -9.47 0.38
C LEU C 212 2.74 -8.96 0.47
N LYS C 213 1.92 -9.27 -0.54
CA LYS C 213 0.55 -8.79 -0.56
C LYS C 213 -0.28 -9.42 0.55
N CYS C 214 0.01 -10.68 0.85
CA CYS C 214 -0.70 -11.41 1.90
C CYS C 214 -0.34 -10.82 3.26
N LEU C 215 0.94 -10.52 3.46
CA LEU C 215 1.39 -9.88 4.68
C LEU C 215 0.74 -8.51 4.83
N GLU C 216 0.62 -7.80 3.72
CA GLU C 216 0.09 -6.45 3.69
C GLU C 216 -1.36 -6.42 4.10
N HIS C 217 -2.16 -7.29 3.49
CA HIS C 217 -3.61 -7.27 3.66
C HIS C 217 -4.14 -8.31 4.62
N LEU C 218 -3.23 -8.92 5.38
CA LEU C 218 -3.59 -9.90 6.41
C LEU C 218 -4.48 -11.00 5.84
N PHE C 219 -4.08 -11.52 4.69
CA PHE C 219 -4.83 -12.48 3.91
C PHE C 219 -5.36 -13.64 4.74
N PHE C 220 -4.45 -14.39 5.34
CA PHE C 220 -4.79 -15.60 6.07
C PHE C 220 -5.77 -15.28 7.20
N PHE C 221 -5.50 -14.21 7.92
CA PHE C 221 -6.32 -13.82 9.07
C PHE C 221 -7.71 -13.37 8.67
N LYS C 222 -7.80 -12.60 7.58
CA LYS C 222 -9.09 -12.20 7.06
C LYS C 222 -9.92 -13.40 6.64
N LEU C 223 -9.27 -14.39 6.02
CA LEU C 223 -9.99 -15.56 5.54
C LEU C 223 -10.56 -16.42 6.65
N ILE C 224 -9.74 -16.74 7.66
CA ILE C 224 -10.22 -17.62 8.73
C ILE C 224 -11.09 -16.84 9.73
N GLY C 225 -11.00 -15.51 9.69
CA GLY C 225 -11.65 -14.69 10.69
C GLY C 225 -12.92 -13.97 10.26
N ASP C 226 -13.10 -13.78 8.96
CA ASP C 226 -14.19 -12.95 8.43
C ASP C 226 -15.58 -13.38 8.91
N THR C 227 -15.88 -14.66 8.76
CA THR C 227 -17.17 -15.19 9.15
C THR C 227 -17.31 -15.31 10.67
N PRO C 228 -16.27 -15.79 11.37
CA PRO C 228 -16.38 -15.73 12.82
C PRO C 228 -16.64 -14.34 13.37
N ILE C 229 -16.20 -13.30 12.67
CA ILE C 229 -16.42 -11.94 13.20
C ILE C 229 -17.83 -11.47 12.91
N ASP C 230 -18.28 -11.64 11.67
CA ASP C 230 -19.67 -11.37 11.31
C ASP C 230 -20.62 -12.10 12.30
N THR C 231 -20.34 -13.38 12.53
CA THR C 231 -21.19 -14.20 13.39
C THR C 231 -21.23 -13.67 14.81
N PHE C 232 -20.05 -13.35 15.33
CA PHE C 232 -19.95 -12.77 16.67
C PHE C 232 -20.71 -11.47 16.75
N LEU C 233 -20.50 -10.60 15.77
CA LEU C 233 -21.09 -9.28 15.79
C LEU C 233 -22.61 -9.42 15.78
N MET C 234 -23.10 -10.26 14.87
CA MET C 234 -24.54 -10.43 14.71
C MET C 234 -25.20 -10.89 16.02
N GLU C 235 -24.58 -11.87 16.68
N GLU C 235 -24.59 -11.87 16.69
CA GLU C 235 -25.06 -12.37 17.96
CA GLU C 235 -25.09 -12.36 17.97
C GLU C 235 -25.19 -11.27 19.00
C GLU C 235 -25.20 -11.25 19.00
N MET C 236 -24.16 -10.43 19.12
CA MET C 236 -24.20 -9.32 20.05
C MET C 236 -25.22 -8.27 19.66
N LEU C 237 -25.36 -8.02 18.37
CA LEU C 237 -26.24 -6.93 17.90
C LEU C 237 -27.71 -7.26 18.10
N GLU C 238 -28.04 -8.55 18.03
CA GLU C 238 -29.41 -9.02 18.21
C GLU C 238 -29.83 -9.09 19.68
N ALA C 239 -28.90 -9.49 20.53
CA ALA C 239 -29.13 -9.62 21.97
C ALA C 239 -29.61 -8.31 22.57
N ASP D 45 15.86 23.05 -16.94
CA ASP D 45 15.15 22.89 -15.70
C ASP D 45 15.43 21.50 -15.11
N PRO D 46 15.49 21.40 -13.77
CA PRO D 46 15.80 20.11 -13.13
C PRO D 46 14.71 19.05 -13.39
N VAL D 47 13.44 19.41 -13.22
CA VAL D 47 12.32 18.53 -13.54
C VAL D 47 12.35 18.11 -15.02
N THR D 48 12.54 19.09 -15.90
CA THR D 48 12.60 18.84 -17.34
C THR D 48 13.77 17.92 -17.66
N ASN D 49 14.83 18.02 -16.87
CA ASN D 49 15.96 17.10 -17.01
C ASN D 49 15.48 15.68 -16.77
N ILE D 50 14.82 15.48 -15.62
CA ILE D 50 14.36 14.17 -15.19
C ILE D 50 13.43 13.51 -16.21
N CYS D 51 12.45 14.27 -16.69
CA CYS D 51 11.53 13.76 -17.71
C CYS D 51 12.23 13.32 -18.98
N GLN D 52 13.12 14.17 -19.49
CA GLN D 52 13.87 13.84 -20.70
C GLN D 52 14.74 12.60 -20.48
N ALA D 53 15.33 12.49 -19.30
CA ALA D 53 16.13 11.32 -18.92
C ALA D 53 15.30 10.02 -18.94
N ALA D 54 14.06 10.10 -18.47
CA ALA D 54 13.18 8.94 -18.41
C ALA D 54 12.74 8.51 -19.81
N ASP D 55 12.43 9.50 -20.64
CA ASP D 55 12.11 9.24 -22.06
C ASP D 55 13.26 8.52 -22.74
N LYS D 56 14.48 8.94 -22.43
CA LYS D 56 15.67 8.30 -22.97
C LYS D 56 15.74 6.84 -22.54
N GLN D 57 15.58 6.60 -21.23
CA GLN D 57 15.65 5.26 -20.68
C GLN D 57 14.59 4.36 -21.31
N LEU D 58 13.39 4.89 -21.44
CA LEU D 58 12.30 4.18 -22.09
C LEU D 58 12.68 3.78 -23.51
N PHE D 59 13.25 4.73 -24.25
CA PHE D 59 13.64 4.47 -25.63
C PHE D 59 14.67 3.34 -25.69
N THR D 60 15.70 3.45 -24.85
CA THR D 60 16.76 2.45 -24.81
C THR D 60 16.19 1.11 -24.39
N LEU D 61 15.22 1.11 -23.47
CA LEU D 61 14.64 -0.14 -23.02
C LEU D 61 13.95 -0.84 -24.17
N VAL D 62 13.15 -0.10 -24.92
CA VAL D 62 12.37 -0.65 -26.04
C VAL D 62 13.29 -1.22 -27.13
N GLU D 63 14.40 -0.54 -27.38
CA GLU D 63 15.30 -0.95 -28.46
C GLU D 63 16.05 -2.20 -28.03
N TRP D 64 16.27 -2.31 -26.73
CA TRP D 64 16.86 -3.50 -26.14
C TRP D 64 15.90 -4.67 -26.32
N ALA D 65 14.64 -4.45 -26.01
CA ALA D 65 13.67 -5.54 -26.08
C ALA D 65 13.55 -6.09 -27.51
N LYS D 66 13.56 -5.19 -28.48
CA LYS D 66 13.41 -5.59 -29.88
C LYS D 66 14.57 -6.47 -30.35
N ARG D 67 15.74 -6.29 -29.75
CA ARG D 67 16.91 -7.09 -30.08
C ARG D 67 16.96 -8.40 -29.29
N ILE D 68 15.96 -8.64 -28.46
CA ILE D 68 15.82 -9.93 -27.76
C ILE D 68 15.14 -10.91 -28.72
N PRO D 69 15.78 -12.06 -28.99
CA PRO D 69 15.24 -12.95 -30.03
C PRO D 69 13.80 -13.38 -29.73
N HIS D 70 12.98 -13.35 -30.77
CA HIS D 70 11.56 -13.78 -30.72
C HIS D 70 10.62 -12.79 -30.05
N PHE D 71 11.17 -11.82 -29.32
CA PHE D 71 10.32 -10.81 -28.67
C PHE D 71 9.35 -10.15 -29.65
N SER D 72 9.87 -9.67 -30.79
CA SER D 72 9.04 -8.94 -31.75
C SER D 72 7.98 -9.78 -32.46
N GLU D 73 8.14 -11.10 -32.35
CA GLU D 73 7.17 -12.02 -32.94
C GLU D 73 5.90 -12.16 -32.08
N LEU D 74 5.98 -11.77 -30.81
CA LEU D 74 4.80 -11.73 -29.95
C LEU D 74 3.84 -10.67 -30.46
N PRO D 75 2.54 -10.84 -30.20
CA PRO D 75 1.59 -9.78 -30.57
C PRO D 75 2.06 -8.44 -29.98
N LEU D 76 1.72 -7.36 -30.68
CA LEU D 76 2.23 -6.05 -30.30
C LEU D 76 1.59 -5.61 -28.99
N ASP D 77 0.34 -5.99 -28.78
CA ASP D 77 -0.31 -5.72 -27.52
C ASP D 77 0.40 -6.44 -26.37
N ASP D 78 0.98 -7.60 -26.68
CA ASP D 78 1.66 -8.38 -25.65
C ASP D 78 3.03 -7.80 -25.35
N GLN D 79 3.68 -7.25 -26.38
CA GLN D 79 4.96 -6.60 -26.20
C GLN D 79 4.84 -5.37 -25.31
N VAL D 80 3.80 -4.57 -25.55
CA VAL D 80 3.51 -3.39 -24.74
C VAL D 80 3.27 -3.79 -23.27
N ILE D 81 2.50 -4.86 -23.09
CA ILE D 81 2.17 -5.34 -21.76
C ILE D 81 3.43 -5.75 -20.98
N LEU D 82 4.30 -6.52 -21.65
CA LEU D 82 5.54 -7.00 -21.03
C LEU D 82 6.48 -5.87 -20.69
N LEU D 83 6.58 -4.88 -21.57
CA LEU D 83 7.45 -3.74 -21.33
C LEU D 83 6.92 -2.91 -20.16
N ARG D 84 5.60 -2.78 -20.06
CA ARG D 84 4.98 -2.02 -18.97
C ARG D 84 5.07 -2.78 -17.65
N ALA D 85 4.81 -4.08 -17.68
CA ALA D 85 4.97 -4.91 -16.48
C ALA D 85 6.43 -4.96 -15.99
N GLY D 86 7.37 -4.88 -16.92
CA GLY D 86 8.77 -5.12 -16.57
C GLY D 86 9.67 -3.93 -16.35
N TRP D 87 9.27 -2.74 -16.77
CA TRP D 87 10.20 -1.61 -16.83
C TRP D 87 10.90 -1.34 -15.50
N ASN D 88 10.16 -1.40 -14.40
CA ASN D 88 10.70 -1.04 -13.09
C ASN D 88 11.81 -2.00 -12.64
N GLU D 89 11.55 -3.30 -12.71
CA GLU D 89 12.58 -4.30 -12.33
C GLU D 89 13.75 -4.28 -13.30
N LEU D 90 13.46 -4.03 -14.58
CA LEU D 90 14.49 -4.01 -15.61
C LEU D 90 15.47 -2.86 -15.35
N LEU D 91 14.92 -1.68 -15.07
CA LEU D 91 15.71 -0.52 -14.63
C LEU D 91 16.55 -0.78 -13.36
N ILE D 92 15.91 -1.32 -12.33
CA ILE D 92 16.61 -1.61 -11.08
C ILE D 92 17.73 -2.62 -11.28
N ALA D 93 17.46 -3.65 -12.06
CA ALA D 93 18.48 -4.64 -12.35
C ALA D 93 19.71 -3.99 -13.00
N SER D 94 19.48 -3.03 -13.90
CA SER D 94 20.58 -2.37 -14.62
C SER D 94 21.40 -1.42 -13.76
N PHE D 95 20.75 -0.55 -12.99
CA PHE D 95 21.51 0.39 -12.15
C PHE D 95 22.19 -0.33 -11.00
N SER D 96 21.64 -1.46 -10.58
CA SER D 96 22.29 -2.28 -9.56
C SER D 96 23.61 -2.86 -10.07
N HIS D 97 23.57 -3.43 -11.27
CA HIS D 97 24.76 -4.06 -11.83
C HIS D 97 25.78 -2.99 -12.21
N ARG D 98 25.28 -1.83 -12.64
CA ARG D 98 26.11 -0.67 -12.97
C ARG D 98 26.81 -0.14 -11.73
N SER D 99 26.25 -0.39 -10.54
CA SER D 99 26.80 0.18 -9.32
C SER D 99 27.90 -0.69 -8.68
N ILE D 100 28.26 -1.80 -9.32
CA ILE D 100 29.27 -2.69 -8.72
C ILE D 100 30.62 -2.00 -8.59
N ALA D 101 30.96 -1.14 -9.55
CA ALA D 101 32.22 -0.42 -9.54
C ALA D 101 32.18 0.82 -8.64
N VAL D 102 31.15 0.91 -7.81
CA VAL D 102 30.92 2.09 -6.99
C VAL D 102 30.86 1.73 -5.50
N LYS D 103 31.49 2.55 -4.67
CA LYS D 103 31.60 2.27 -3.24
C LYS D 103 30.51 2.98 -2.43
N ASP D 104 29.72 2.19 -1.70
CA ASP D 104 28.65 2.69 -0.83
C ASP D 104 27.69 3.69 -1.53
N GLY D 105 27.46 3.50 -2.82
CA GLY D 105 26.58 4.36 -3.59
C GLY D 105 25.82 3.63 -4.69
N ILE D 106 24.92 4.36 -5.35
CA ILE D 106 24.16 3.80 -6.46
C ILE D 106 24.36 4.72 -7.65
N LEU D 107 24.56 4.13 -8.84
CA LEU D 107 24.74 4.92 -10.05
C LEU D 107 23.51 4.84 -10.94
N LEU D 108 22.83 5.97 -11.10
CA LEU D 108 21.73 6.10 -12.05
C LEU D 108 22.28 6.56 -13.43
N ALA D 109 21.60 6.15 -14.50
CA ALA D 109 22.17 6.14 -15.86
C ALA D 109 22.97 7.36 -16.32
N THR D 110 22.59 8.53 -15.85
CA THR D 110 23.21 9.76 -16.33
C THR D 110 24.43 10.17 -15.51
N GLY D 111 25.17 9.18 -15.02
CA GLY D 111 26.26 9.46 -14.09
C GLY D 111 25.76 10.03 -12.76
N LEU D 112 24.45 9.98 -12.54
CA LEU D 112 23.82 10.46 -11.33
C LEU D 112 24.12 9.56 -10.14
N HIS D 113 25.10 9.97 -9.33
CA HIS D 113 25.61 9.16 -8.24
C HIS D 113 24.85 9.45 -6.95
N VAL D 114 24.29 8.42 -6.33
CA VAL D 114 23.49 8.59 -5.13
C VAL D 114 24.09 7.85 -3.93
N HIS D 115 24.42 8.59 -2.89
CA HIS D 115 25.01 7.99 -1.69
C HIS D 115 24.00 7.82 -0.56
N ARG D 116 24.40 7.03 0.43
CA ARG D 116 23.57 6.72 1.59
C ARG D 116 23.03 7.97 2.27
N ASN D 117 23.87 9.02 2.29
CA ASN D 117 23.53 10.29 2.92
C ASN D 117 22.21 10.81 2.37
N SER D 118 22.14 10.94 1.04
CA SER D 118 20.93 11.41 0.38
C SER D 118 19.75 10.48 0.64
N ALA D 119 20.01 9.17 0.58
CA ALA D 119 18.95 8.19 0.76
C ALA D 119 18.36 8.27 2.16
N HIS D 120 19.22 8.38 3.16
CA HIS D 120 18.73 8.49 4.52
C HIS D 120 18.00 9.82 4.69
N SER D 121 18.52 10.85 4.04
CA SER D 121 17.91 12.18 4.09
C SER D 121 16.49 12.16 3.56
N ALA D 122 16.26 11.35 2.53
CA ALA D 122 14.99 11.33 1.83
C ALA D 122 14.00 10.35 2.45
N GLY D 123 14.41 9.70 3.54
CA GLY D 123 13.55 8.78 4.24
C GLY D 123 13.50 7.40 3.62
N VAL D 124 14.39 7.14 2.67
CA VAL D 124 14.43 5.84 2.00
C VAL D 124 15.73 5.08 2.25
N GLY D 125 16.33 5.29 3.42
CA GLY D 125 17.58 4.63 3.78
C GLY D 125 17.47 3.13 3.78
N ALA D 126 16.34 2.61 4.21
CA ALA D 126 16.12 1.17 4.29
C ALA D 126 16.12 0.49 2.93
N ILE D 127 15.36 1.04 1.99
CA ILE D 127 15.29 0.48 0.64
C ILE D 127 16.64 0.59 -0.08
N PHE D 128 17.32 1.73 0.11
CA PHE D 128 18.66 1.92 -0.39
C PHE D 128 19.60 0.78 0.02
N ASP D 129 19.59 0.44 1.31
CA ASP D 129 20.43 -0.63 1.85
C ASP D 129 20.08 -2.00 1.30
N ARG D 130 18.79 -2.27 1.12
CA ARG D 130 18.36 -3.48 0.42
C ARG D 130 18.89 -3.57 -1.00
N VAL D 131 18.88 -2.48 -1.75
CA VAL D 131 19.39 -2.52 -3.11
C VAL D 131 20.88 -2.88 -3.09
N LEU D 132 21.61 -2.28 -2.16
CA LEU D 132 23.02 -2.56 -2.01
C LEU D 132 23.29 -4.00 -1.53
N THR D 133 22.60 -4.43 -0.47
CA THR D 133 22.90 -5.73 0.15
C THR D 133 22.35 -6.92 -0.63
N GLU D 134 21.14 -6.79 -1.17
CA GLU D 134 20.50 -7.92 -1.82
C GLU D 134 20.74 -8.00 -3.33
N LEU D 135 21.07 -6.87 -3.95
CA LEU D 135 21.35 -6.85 -5.38
C LEU D 135 22.82 -6.51 -5.66
N VAL D 136 23.23 -5.27 -5.41
CA VAL D 136 24.55 -4.80 -5.83
C VAL D 136 25.72 -5.64 -5.29
N SER D 137 25.71 -5.92 -4.00
CA SER D 137 26.82 -6.64 -3.39
C SER D 137 26.88 -8.13 -3.76
N LYS D 138 25.73 -8.72 -4.06
CA LYS D 138 25.67 -10.13 -4.47
C LYS D 138 26.10 -10.25 -5.92
N MET D 139 25.76 -9.24 -6.72
CA MET D 139 26.19 -9.21 -8.11
C MET D 139 27.71 -9.13 -8.13
N ARG D 140 28.25 -8.32 -7.22
CA ARG D 140 29.68 -8.07 -7.19
C ARG D 140 30.46 -9.31 -6.79
N ASP D 141 30.02 -9.94 -5.70
CA ASP D 141 30.74 -11.04 -5.08
C ASP D 141 30.79 -12.32 -5.91
N MET D 142 29.74 -12.58 -6.67
CA MET D 142 29.73 -13.73 -7.56
C MET D 142 30.22 -13.32 -8.94
N GLN D 143 30.54 -12.04 -9.07
CA GLN D 143 30.98 -11.47 -10.33
C GLN D 143 30.00 -11.72 -11.49
N MET D 144 28.73 -11.40 -11.26
CA MET D 144 27.75 -11.46 -12.34
C MET D 144 28.24 -10.60 -13.50
N ASP D 145 28.26 -11.18 -14.70
CA ASP D 145 28.75 -10.43 -15.85
C ASP D 145 27.57 -9.93 -16.67
N LYS D 146 27.87 -9.15 -17.69
CA LYS D 146 26.83 -8.50 -18.47
C LYS D 146 26.01 -9.50 -19.29
N THR D 147 26.59 -10.63 -19.65
CA THR D 147 25.82 -11.67 -20.36
C THR D 147 24.76 -12.30 -19.43
N GLU D 148 25.16 -12.61 -18.20
CA GLU D 148 24.25 -13.15 -17.19
C GLU D 148 23.15 -12.13 -16.87
N LEU D 149 23.57 -10.88 -16.62
CA LEU D 149 22.62 -9.79 -16.43
C LEU D 149 21.61 -9.73 -17.56
N GLY D 150 22.12 -9.78 -18.79
CA GLY D 150 21.26 -9.72 -19.96
C GLY D 150 20.24 -10.84 -19.99
N CYS D 151 20.67 -12.05 -19.62
CA CYS D 151 19.78 -13.20 -19.59
C CYS D 151 18.72 -13.05 -18.50
N LEU D 152 19.12 -12.56 -17.34
CA LEU D 152 18.17 -12.39 -16.24
C LEU D 152 17.12 -11.33 -16.60
N ARG D 153 17.56 -10.22 -17.17
CA ARG D 153 16.63 -9.17 -17.59
C ARG D 153 15.66 -9.68 -18.64
N ALA D 154 16.15 -10.50 -19.55
CA ALA D 154 15.25 -11.08 -20.54
C ALA D 154 14.23 -12.00 -19.87
N ILE D 155 14.67 -12.77 -18.87
CA ILE D 155 13.76 -13.65 -18.13
C ILE D 155 12.69 -12.80 -17.46
N VAL D 156 13.10 -11.70 -16.83
CA VAL D 156 12.17 -10.72 -16.26
C VAL D 156 11.17 -10.23 -17.29
N LEU D 157 11.68 -9.85 -18.47
CA LEU D 157 10.84 -9.31 -19.53
C LEU D 157 9.78 -10.32 -19.98
N PHE D 158 10.21 -11.57 -20.18
CA PHE D 158 9.30 -12.62 -20.58
C PHE D 158 8.56 -13.12 -19.34
N ASN D 159 7.70 -12.26 -18.80
CA ASN D 159 6.95 -12.58 -17.59
C ASN D 159 5.57 -13.11 -17.94
N PRO D 160 5.34 -14.42 -17.76
CA PRO D 160 4.10 -15.05 -18.22
C PRO D 160 2.92 -14.73 -17.28
N ASP D 161 3.22 -14.11 -16.16
CA ASP D 161 2.20 -13.78 -15.17
C ASP D 161 1.55 -12.43 -15.42
N SER D 162 2.10 -11.65 -16.36
CA SER D 162 1.58 -10.31 -16.64
C SER D 162 0.12 -10.33 -17.05
N LYS D 163 -0.65 -9.38 -16.52
CA LYS D 163 -2.09 -9.37 -16.76
C LYS D 163 -2.41 -8.89 -18.18
N GLY D 164 -3.33 -9.61 -18.82
CA GLY D 164 -3.80 -9.22 -20.15
C GLY D 164 -3.08 -9.88 -21.30
N LEU D 165 -2.07 -10.68 -21.00
CA LEU D 165 -1.34 -11.42 -22.04
C LEU D 165 -2.29 -12.31 -22.83
N SER D 166 -2.27 -12.18 -24.15
CA SER D 166 -3.14 -12.96 -25.01
C SER D 166 -2.75 -14.43 -25.00
N ASN D 167 -1.47 -14.71 -24.81
CA ASN D 167 -1.03 -16.09 -24.72
C ASN D 167 0.11 -16.28 -23.75
N PRO D 168 -0.21 -16.46 -22.46
CA PRO D 168 0.79 -16.59 -21.40
C PRO D 168 1.75 -17.71 -21.70
N ALA D 169 1.24 -18.82 -22.23
CA ALA D 169 2.04 -20.01 -22.50
C ALA D 169 3.16 -19.72 -23.49
N GLU D 170 2.85 -18.90 -24.49
CA GLU D 170 3.83 -18.45 -25.45
C GLU D 170 4.97 -17.72 -24.73
N VAL D 171 4.62 -16.84 -23.81
CA VAL D 171 5.63 -16.06 -23.09
C VAL D 171 6.51 -16.96 -22.23
N GLU D 172 5.88 -17.92 -21.55
CA GLU D 172 6.60 -18.87 -20.71
C GLU D 172 7.58 -19.70 -21.53
N ALA D 173 7.19 -20.03 -22.76
CA ALA D 173 8.07 -20.80 -23.64
C ALA D 173 9.33 -20.00 -24.00
N LEU D 174 9.18 -18.69 -24.19
CA LEU D 174 10.31 -17.84 -24.51
C LEU D 174 11.23 -17.69 -23.30
N ARG D 175 10.62 -17.59 -22.12
CA ARG D 175 11.36 -17.56 -20.87
C ARG D 175 12.27 -18.80 -20.75
N GLU D 176 11.72 -19.96 -21.07
CA GLU D 176 12.45 -21.21 -20.94
C GLU D 176 13.65 -21.28 -21.89
N LYS D 177 13.45 -20.88 -23.15
CA LYS D 177 14.57 -20.71 -24.09
C LYS D 177 15.67 -19.83 -23.52
N VAL D 178 15.29 -18.68 -22.97
CA VAL D 178 16.30 -17.79 -22.39
C VAL D 178 17.01 -18.46 -21.21
N TYR D 179 16.26 -19.13 -20.33
CA TYR D 179 16.95 -19.69 -19.18
C TYR D 179 17.80 -20.93 -19.50
N ALA D 180 17.37 -21.71 -20.49
CA ALA D 180 18.18 -22.83 -20.97
C ALA D 180 19.53 -22.29 -21.45
N SER D 181 19.49 -21.14 -22.13
CA SER D 181 20.69 -20.53 -22.68
C SER D 181 21.61 -20.01 -21.57
N LEU D 182 21.00 -19.49 -20.52
CA LEU D 182 21.76 -18.97 -19.39
C LEU D 182 22.44 -20.11 -18.65
N GLU D 183 21.73 -21.23 -18.49
CA GLU D 183 22.32 -22.40 -17.85
C GLU D 183 23.51 -22.91 -18.66
N ALA D 184 23.33 -23.04 -19.97
CA ALA D 184 24.42 -23.45 -20.88
C ALA D 184 25.68 -22.58 -20.74
N TYR D 185 25.47 -21.26 -20.63
CA TYR D 185 26.56 -20.30 -20.45
C TYR D 185 27.26 -20.48 -19.11
N CYS D 186 26.51 -20.55 -18.01
CA CYS D 186 27.12 -20.76 -16.68
C CYS D 186 27.95 -22.05 -16.62
N LYS D 187 27.48 -23.08 -17.32
CA LYS D 187 28.10 -24.40 -17.30
C LYS D 187 29.52 -24.34 -17.88
N HIS D 188 29.70 -23.57 -18.94
CA HIS D 188 31.02 -23.49 -19.55
C HIS D 188 31.87 -22.36 -18.97
N LYS D 189 31.25 -21.31 -18.46
CA LYS D 189 32.01 -20.19 -17.93
C LYS D 189 32.61 -20.56 -16.58
N TYR D 190 31.80 -21.25 -15.77
CA TYR D 190 32.24 -21.72 -14.48
C TYR D 190 31.79 -23.16 -14.30
N PRO D 191 32.45 -24.11 -14.97
CA PRO D 191 32.06 -25.51 -14.79
C PRO D 191 32.25 -25.97 -13.35
N GLU D 192 33.17 -25.33 -12.64
CA GLU D 192 33.42 -25.66 -11.25
C GLU D 192 32.43 -25.03 -10.25
N GLN D 193 31.40 -24.36 -10.76
CA GLN D 193 30.34 -23.80 -9.89
C GLN D 193 29.01 -24.33 -10.38
N PRO D 194 28.69 -25.59 -10.07
CA PRO D 194 27.47 -26.17 -10.65
C PRO D 194 26.20 -25.45 -10.17
N GLY D 195 26.30 -24.70 -9.07
CA GLY D 195 25.15 -24.00 -8.55
C GLY D 195 24.97 -22.56 -9.00
N ARG D 196 25.80 -22.09 -9.95
CA ARG D 196 25.74 -20.69 -10.38
C ARG D 196 24.42 -20.31 -11.06
N PHE D 197 23.95 -21.16 -11.97
CA PHE D 197 22.71 -20.94 -12.68
C PHE D 197 21.56 -20.70 -11.70
N ALA D 198 21.40 -21.60 -10.72
CA ALA D 198 20.31 -21.49 -9.76
C ALA D 198 20.52 -20.27 -8.90
N LYS D 199 21.78 -20.01 -8.55
CA LYS D 199 22.12 -18.85 -7.76
C LYS D 199 21.68 -17.55 -8.47
N LEU D 200 21.90 -17.49 -9.79
CA LEU D 200 21.45 -16.34 -10.57
C LEU D 200 19.92 -16.20 -10.52
N LEU D 201 19.20 -17.29 -10.79
CA LEU D 201 17.74 -17.21 -10.76
C LEU D 201 17.24 -16.78 -9.40
N LEU D 202 18.02 -17.06 -8.36
CA LEU D 202 17.56 -16.80 -7.00
C LEU D 202 17.80 -15.37 -6.53
N ARG D 203 18.25 -14.50 -7.43
CA ARG D 203 18.26 -13.07 -7.12
C ARG D 203 16.95 -12.45 -7.58
N LEU D 204 16.22 -13.17 -8.43
CA LEU D 204 14.95 -12.64 -8.94
C LEU D 204 13.84 -12.42 -7.91
N PRO D 205 13.79 -13.25 -6.83
CA PRO D 205 12.76 -12.85 -5.85
C PRO D 205 13.13 -11.55 -5.18
N ALA D 206 14.41 -11.34 -4.88
CA ALA D 206 14.87 -10.10 -4.27
C ALA D 206 14.56 -8.91 -5.18
N LEU D 207 14.84 -9.07 -6.47
CA LEU D 207 14.57 -8.01 -7.44
C LEU D 207 13.07 -7.70 -7.46
N ARG D 208 12.24 -8.73 -7.34
CA ARG D 208 10.80 -8.55 -7.34
C ARG D 208 10.32 -7.73 -6.14
N SER D 209 10.74 -8.08 -4.94
CA SER D 209 10.30 -7.33 -3.75
C SER D 209 10.91 -5.94 -3.70
N ILE D 210 12.16 -5.82 -4.14
CA ILE D 210 12.79 -4.50 -4.23
C ILE D 210 11.99 -3.60 -5.19
N GLY D 211 11.57 -4.15 -6.33
CA GLY D 211 10.78 -3.41 -7.29
C GLY D 211 9.49 -2.92 -6.65
N LEU D 212 8.83 -3.79 -5.90
CA LEU D 212 7.58 -3.43 -5.25
C LEU D 212 7.82 -2.36 -4.19
N LYS D 213 8.87 -2.52 -3.41
CA LYS D 213 9.14 -1.57 -2.32
C LYS D 213 9.49 -0.19 -2.84
N CYS D 214 10.23 -0.13 -3.95
CA CYS D 214 10.60 1.16 -4.55
C CYS D 214 9.34 1.94 -4.96
N LEU D 215 8.41 1.27 -5.62
CA LEU D 215 7.18 1.93 -6.03
C LEU D 215 6.38 2.39 -4.81
N GLU D 216 6.16 1.48 -3.87
CA GLU D 216 5.37 1.76 -2.68
C GLU D 216 5.88 2.98 -1.89
N HIS D 217 7.19 3.15 -1.84
CA HIS D 217 7.77 4.25 -1.08
C HIS D 217 8.12 5.49 -1.91
N LEU D 218 7.79 5.48 -3.21
CA LEU D 218 8.19 6.55 -4.13
C LEU D 218 9.71 6.77 -4.09
N PHE D 219 10.44 5.68 -4.16
CA PHE D 219 11.90 5.68 -4.04
C PHE D 219 12.61 6.66 -4.98
N PHE D 220 12.30 6.57 -6.26
CA PHE D 220 12.91 7.46 -7.24
C PHE D 220 12.48 8.91 -7.05
N PHE D 221 11.20 9.13 -6.77
CA PHE D 221 10.74 10.50 -6.52
C PHE D 221 11.51 11.11 -5.35
N LYS D 222 11.59 10.38 -4.25
CA LYS D 222 12.20 10.91 -3.04
C LYS D 222 13.68 11.23 -3.23
N LEU D 223 14.32 10.56 -4.18
CA LEU D 223 15.76 10.71 -4.38
C LEU D 223 16.11 11.78 -5.43
N ILE D 224 15.32 11.87 -6.49
CA ILE D 224 15.67 12.78 -7.58
C ILE D 224 14.61 13.83 -7.90
N GLY D 225 13.37 13.59 -7.49
CA GLY D 225 12.28 14.53 -7.76
C GLY D 225 11.97 15.51 -6.64
N ASP D 226 12.35 15.20 -5.42
CA ASP D 226 11.93 15.95 -4.23
C ASP D 226 12.38 17.41 -4.26
N THR D 227 13.69 17.64 -4.31
CA THR D 227 14.21 19.01 -4.39
C THR D 227 13.83 19.77 -5.66
N PRO D 228 13.92 19.14 -6.84
CA PRO D 228 13.44 19.84 -8.04
C PRO D 228 12.00 20.36 -7.93
N ILE D 229 11.11 19.64 -7.24
CA ILE D 229 9.73 20.11 -7.10
C ILE D 229 9.64 21.38 -6.26
N ASP D 230 10.39 21.44 -5.16
CA ASP D 230 10.53 22.66 -4.39
C ASP D 230 11.00 23.82 -5.29
N THR D 231 11.92 23.54 -6.20
CA THR D 231 12.43 24.60 -7.09
C THR D 231 11.35 25.01 -8.08
N PHE D 232 10.69 24.01 -8.64
CA PHE D 232 9.55 24.20 -9.55
C PHE D 232 8.47 25.08 -8.92
N LEU D 233 8.12 24.76 -7.68
CA LEU D 233 7.04 25.47 -6.99
C LEU D 233 7.43 26.90 -6.69
N MET D 234 8.66 27.11 -6.27
CA MET D 234 9.15 28.45 -6.00
C MET D 234 9.13 29.30 -7.30
N GLU D 235 9.46 28.66 -8.42
CA GLU D 235 9.40 29.36 -9.71
C GLU D 235 7.97 29.78 -10.01
N MET D 236 7.04 28.87 -9.72
CA MET D 236 5.63 29.18 -9.92
C MET D 236 5.18 30.35 -9.05
N LEU D 237 5.71 30.40 -7.83
CA LEU D 237 5.37 31.50 -6.93
C LEU D 237 5.94 32.83 -7.41
N GLU D 238 7.09 32.80 -8.08
CA GLU D 238 7.71 34.04 -8.55
C GLU D 238 7.04 34.62 -9.81
N ALA D 239 6.16 33.85 -10.44
CA ALA D 239 5.44 34.32 -11.62
C ALA D 239 4.54 35.48 -11.19
N PRO D 240 4.15 36.36 -12.13
CA PRO D 240 3.49 37.64 -11.79
C PRO D 240 2.14 37.51 -11.12
N HIS D 241 1.90 38.40 -10.16
CA HIS D 241 0.55 38.67 -9.64
C HIS D 241 -0.09 37.48 -8.94
#